data_2K7Y
#
_entry.id   2K7Y
#
_entity_poly.entity_id   1
_entity_poly.type   'polypeptide(L)'
_entity_poly.pdbx_seq_one_letter_code
;GSIDRLIDRITERAEDSGNESEGDQEELSALVERGHLAPWDVDDL
;
_entity_poly.pdbx_strand_id   A
#
# COMPACT_ATOMS: atom_id res chain seq x y z
N GLY A 1 2.18 -9.59 9.08
CA GLY A 1 0.88 -9.05 8.72
C GLY A 1 0.29 -9.80 7.53
N SER A 2 0.04 -11.08 7.74
CA SER A 2 -0.52 -11.91 6.69
C SER A 2 -1.81 -11.28 6.16
N ILE A 3 -2.53 -10.64 7.06
CA ILE A 3 -3.79 -9.99 6.69
C ILE A 3 -3.51 -8.54 6.33
N ASP A 4 -2.42 -8.01 6.86
CA ASP A 4 -2.04 -6.64 6.60
C ASP A 4 -1.71 -6.48 5.11
N ARG A 5 -0.83 -7.36 4.64
CA ARG A 5 -0.42 -7.33 3.25
C ARG A 5 -1.55 -7.85 2.35
N LEU A 6 -2.54 -8.47 2.99
CA LEU A 6 -3.68 -9.01 2.27
C LEU A 6 -4.40 -7.88 1.54
N ILE A 7 -4.45 -6.72 2.20
CA ILE A 7 -5.11 -5.57 1.62
C ILE A 7 -4.28 -5.06 0.43
N ASP A 8 -2.98 -5.25 0.53
CA ASP A 8 -2.08 -4.81 -0.53
C ASP A 8 -2.60 -5.33 -1.87
N ARG A 9 -3.17 -6.52 -1.83
CA ARG A 9 -3.72 -7.13 -3.03
C ARG A 9 -5.10 -6.55 -3.35
N ILE A 10 -5.75 -6.04 -2.30
CA ILE A 10 -7.07 -5.45 -2.46
C ILE A 10 -6.92 -3.99 -2.86
N THR A 11 -5.78 -3.42 -2.50
CA THR A 11 -5.50 -2.03 -2.81
C THR A 11 -4.40 -1.93 -3.87
N GLU A 12 -3.88 -3.08 -4.24
CA GLU A 12 -2.82 -3.15 -5.24
C GLU A 12 -3.10 -2.15 -6.37
N ARG A 13 -4.38 -1.90 -6.59
CA ARG A 13 -4.80 -0.99 -7.63
C ARG A 13 -4.07 0.35 -7.49
N ALA A 14 -3.56 0.58 -6.29
CA ALA A 14 -2.84 1.81 -6.01
C ALA A 14 -1.39 1.67 -6.47
N GLU A 15 -0.68 0.79 -5.78
CA GLU A 15 0.72 0.55 -6.10
C GLU A 15 0.86 0.14 -7.57
N ASP A 16 -0.26 -0.27 -8.15
CA ASP A 16 -0.27 -0.68 -9.53
C ASP A 16 0.19 0.49 -10.41
N SER A 17 0.11 1.68 -9.85
CA SER A 17 0.52 2.88 -10.57
C SER A 17 1.27 3.81 -9.63
N GLY A 18 0.70 4.03 -8.45
CA GLY A 18 1.31 4.89 -7.46
C GLY A 18 0.58 4.79 -6.12
N ASN A 19 -0.47 5.58 -5.99
CA ASN A 19 -1.25 5.58 -4.76
C ASN A 19 -2.12 6.84 -4.71
N GLU A 20 -1.60 7.89 -5.34
CA GLU A 20 -2.32 9.16 -5.38
C GLU A 20 -3.46 9.09 -6.40
N SER A 21 -4.49 8.33 -6.04
CA SER A 21 -5.64 8.17 -6.91
C SER A 21 -6.77 7.46 -6.16
N GLU A 22 -6.38 6.47 -5.37
CA GLU A 22 -7.35 5.71 -4.60
C GLU A 22 -6.83 5.49 -3.18
N GLY A 23 -5.80 6.24 -2.84
CA GLY A 23 -5.19 6.14 -1.51
C GLY A 23 -6.15 6.66 -0.44
N ASP A 24 -7.31 6.03 -0.36
CA ASP A 24 -8.30 6.42 0.62
C ASP A 24 -8.29 5.42 1.78
N GLN A 25 -8.37 4.14 1.44
CA GLN A 25 -8.36 3.10 2.44
C GLN A 25 -6.94 2.82 2.92
N GLU A 26 -6.06 2.59 1.95
CA GLU A 26 -4.67 2.32 2.25
C GLU A 26 -4.04 3.49 2.98
N GLU A 27 -4.64 4.66 2.79
CA GLU A 27 -4.15 5.87 3.42
C GLU A 27 -3.68 5.58 4.85
N LEU A 28 -4.38 4.65 5.49
CA LEU A 28 -4.05 4.27 6.85
C LEU A 28 -3.56 2.82 6.86
N SER A 29 -4.12 2.03 5.95
CA SER A 29 -3.76 0.64 5.84
C SER A 29 -2.30 0.50 5.41
N ALA A 30 -1.97 1.18 4.32
CA ALA A 30 -0.62 1.15 3.80
C ALA A 30 0.36 1.60 4.89
N LEU A 31 -0.20 2.27 5.89
CA LEU A 31 0.61 2.76 7.00
C LEU A 31 0.94 1.60 7.94
N VAL A 32 0.08 0.59 7.90
CA VAL A 32 0.26 -0.58 8.75
C VAL A 32 1.05 -1.64 7.98
N GLU A 33 0.39 -2.18 6.96
CA GLU A 33 1.02 -3.21 6.14
C GLU A 33 2.42 -2.77 5.72
N ARG A 34 2.52 -1.51 5.34
CA ARG A 34 3.80 -0.96 4.91
C ARG A 34 4.23 0.18 5.85
N GLY A 35 5.53 0.23 6.12
CA GLY A 35 6.07 1.25 6.99
C GLY A 35 6.95 2.23 6.21
N HIS A 36 7.29 1.83 4.99
CA HIS A 36 8.11 2.66 4.13
C HIS A 36 7.23 3.64 3.36
N LEU A 37 5.92 3.42 3.46
CA LEU A 37 4.96 4.28 2.78
C LEU A 37 5.42 4.49 1.34
N ALA A 38 6.09 3.48 0.80
CA ALA A 38 6.58 3.55 -0.56
C ALA A 38 6.24 2.25 -1.28
N PRO A 39 4.92 2.02 -1.47
CA PRO A 39 4.44 0.82 -2.14
C PRO A 39 4.67 0.92 -3.65
N TRP A 40 4.71 2.15 -4.13
CA TRP A 40 4.93 2.39 -5.55
C TRP A 40 6.43 2.59 -5.78
N ASP A 41 7.05 3.29 -4.84
CA ASP A 41 8.48 3.55 -4.93
C ASP A 41 9.25 2.28 -4.57
N VAL A 42 8.69 1.54 -3.61
CA VAL A 42 9.33 0.32 -3.16
C VAL A 42 10.85 0.50 -3.11
N ASP A 43 11.25 1.52 -2.36
CA ASP A 43 12.67 1.83 -2.22
C ASP A 43 13.13 1.44 -0.82
N ASP A 44 12.34 0.57 -0.20
CA ASP A 44 12.67 0.11 1.15
C ASP A 44 12.10 -1.29 1.35
N LEU A 45 12.58 -2.21 0.53
CA LEU A 45 12.12 -3.59 0.61
C LEU A 45 13.17 -4.50 -0.04
N GLY A 1 0.51 -13.85 9.70
CA GLY A 1 1.20 -13.31 8.55
C GLY A 1 0.34 -13.42 7.29
N SER A 2 0.97 -13.12 6.15
CA SER A 2 0.27 -13.19 4.89
C SER A 2 -1.07 -12.45 4.98
N ILE A 3 -1.09 -11.43 5.82
CA ILE A 3 -2.29 -10.64 6.01
C ILE A 3 -1.94 -9.16 5.95
N ASP A 4 -0.88 -8.80 6.64
CA ASP A 4 -0.43 -7.41 6.66
C ASP A 4 -0.10 -6.97 5.24
N ARG A 5 0.12 -7.95 4.37
CA ARG A 5 0.44 -7.68 2.99
C ARG A 5 -0.67 -8.17 2.07
N LEU A 6 -1.59 -8.92 2.66
CA LEU A 6 -2.71 -9.46 1.90
C LEU A 6 -3.49 -8.31 1.27
N ILE A 7 -3.60 -7.23 2.02
CA ILE A 7 -4.31 -6.05 1.54
C ILE A 7 -3.58 -5.47 0.33
N ASP A 8 -2.26 -5.58 0.37
CA ASP A 8 -1.43 -5.07 -0.72
C ASP A 8 -1.99 -5.58 -2.06
N ARG A 9 -2.51 -6.79 -2.02
CA ARG A 9 -3.08 -7.39 -3.21
C ARG A 9 -4.50 -6.86 -3.45
N ILE A 10 -5.13 -6.44 -2.36
CA ILE A 10 -6.48 -5.93 -2.44
C ILE A 10 -6.44 -4.44 -2.81
N THR A 11 -5.31 -3.82 -2.48
CA THR A 11 -5.13 -2.41 -2.77
C THR A 11 -4.07 -2.22 -3.87
N GLU A 12 -3.48 -3.34 -4.28
CA GLU A 12 -2.47 -3.31 -5.31
C GLU A 12 -2.81 -2.27 -6.37
N ARG A 13 -4.08 -2.23 -6.74
CA ARG A 13 -4.56 -1.29 -7.73
C ARG A 13 -3.87 0.06 -7.54
N ALA A 14 -3.53 0.35 -6.29
CA ALA A 14 -2.87 1.61 -5.97
C ALA A 14 -1.45 1.59 -6.54
N GLU A 15 -0.61 0.75 -5.95
CA GLU A 15 0.77 0.65 -6.40
C GLU A 15 0.82 0.24 -7.87
N ASP A 16 -0.31 -0.24 -8.36
CA ASP A 16 -0.41 -0.67 -9.74
C ASP A 16 -0.75 0.53 -10.62
N SER A 17 -0.08 1.64 -10.35
CA SER A 17 -0.30 2.86 -11.11
C SER A 17 0.20 4.06 -10.32
N GLY A 18 0.22 3.91 -9.00
CA GLY A 18 0.67 4.97 -8.12
C GLY A 18 -0.32 5.20 -6.99
N ASN A 19 -0.09 4.50 -5.89
CA ASN A 19 -0.95 4.63 -4.72
C ASN A 19 -1.35 6.10 -4.53
N GLU A 20 -0.44 6.97 -4.95
CA GLU A 20 -0.69 8.40 -4.83
C GLU A 20 -1.54 8.89 -6.00
N SER A 21 -2.64 8.18 -6.22
CA SER A 21 -3.55 8.54 -7.30
C SER A 21 -4.99 8.44 -6.82
N GLU A 22 -5.27 7.36 -6.10
CA GLU A 22 -6.61 7.13 -5.58
C GLU A 22 -6.54 6.45 -4.21
N GLY A 23 -5.39 6.62 -3.57
CA GLY A 23 -5.18 6.03 -2.25
C GLY A 23 -6.46 6.06 -1.41
N ASP A 24 -6.60 7.13 -0.64
CA ASP A 24 -7.76 7.31 0.21
C ASP A 24 -7.77 6.21 1.28
N GLN A 25 -8.12 5.01 0.86
CA GLN A 25 -8.18 3.89 1.77
C GLN A 25 -7.00 3.95 2.75
N GLU A 26 -5.88 4.42 2.25
CA GLU A 26 -4.69 4.53 3.07
C GLU A 26 -4.94 5.46 4.26
N GLU A 27 -3.89 6.15 4.67
CA GLU A 27 -3.98 7.08 5.79
C GLU A 27 -4.12 6.31 7.11
N LEU A 28 -5.15 5.47 7.17
CA LEU A 28 -5.39 4.67 8.36
C LEU A 28 -5.09 3.20 8.05
N SER A 29 -4.82 2.93 6.78
CA SER A 29 -4.52 1.59 6.35
C SER A 29 -3.04 1.47 5.98
N ALA A 30 -2.48 2.58 5.53
CA ALA A 30 -1.08 2.62 5.14
C ALA A 30 -0.22 2.92 6.38
N LEU A 31 -0.91 3.10 7.51
CA LEU A 31 -0.22 3.39 8.76
C LEU A 31 -0.32 2.17 9.68
N VAL A 32 -1.51 1.59 9.72
CA VAL A 32 -1.75 0.43 10.55
C VAL A 32 -1.04 -0.77 9.95
N GLU A 33 -0.95 -0.78 8.63
CA GLU A 33 -0.28 -1.86 7.92
C GLU A 33 1.05 -1.40 7.37
N ARG A 34 0.99 -0.63 6.29
CA ARG A 34 2.18 -0.11 5.65
C ARG A 34 2.96 0.78 6.63
N GLY A 35 4.01 1.40 6.11
CA GLY A 35 4.85 2.27 6.92
C GLY A 35 5.91 2.95 6.06
N HIS A 36 6.43 2.20 5.11
CA HIS A 36 7.46 2.72 4.22
C HIS A 36 6.84 3.74 3.26
N LEU A 37 5.52 3.79 3.27
CA LEU A 37 4.79 4.70 2.41
C LEU A 37 5.39 4.65 1.00
N ALA A 38 5.81 3.47 0.62
CA ALA A 38 6.41 3.27 -0.70
C ALA A 38 5.80 2.02 -1.35
N PRO A 39 4.46 2.10 -1.61
CA PRO A 39 3.76 0.99 -2.22
C PRO A 39 4.08 0.91 -3.72
N TRP A 40 4.19 2.07 -4.34
CA TRP A 40 4.50 2.15 -5.76
C TRP A 40 5.99 1.88 -5.94
N ASP A 41 6.76 2.33 -4.96
CA ASP A 41 8.21 2.15 -4.99
C ASP A 41 8.64 1.27 -3.82
N VAL A 42 8.10 0.05 -3.81
CA VAL A 42 8.42 -0.89 -2.75
C VAL A 42 9.89 -1.30 -2.86
N ASP A 43 10.41 -1.19 -4.07
CA ASP A 43 11.79 -1.54 -4.33
C ASP A 43 12.67 -0.94 -3.22
N ASP A 44 12.54 0.36 -3.06
CA ASP A 44 13.32 1.07 -2.05
C ASP A 44 12.83 0.67 -0.66
N LEU A 45 13.11 -0.58 -0.32
CA LEU A 45 12.70 -1.11 0.98
C LEU A 45 13.27 -2.52 1.15
N GLY A 1 1.48 -14.27 9.60
CA GLY A 1 2.18 -13.62 8.50
C GLY A 1 1.42 -13.81 7.19
N SER A 2 1.94 -13.18 6.14
CA SER A 2 1.32 -13.28 4.83
C SER A 2 -0.07 -12.63 4.85
N ILE A 3 -0.25 -11.73 5.80
CA ILE A 3 -1.52 -11.04 5.94
C ILE A 3 -1.29 -9.53 5.84
N ASP A 4 -0.24 -9.07 6.52
CA ASP A 4 0.09 -7.66 6.51
C ASP A 4 0.29 -7.20 5.06
N ARG A 5 0.57 -8.16 4.20
CA ARG A 5 0.78 -7.86 2.79
C ARG A 5 -0.44 -8.26 1.98
N LEU A 6 -1.27 -9.09 2.58
CA LEU A 6 -2.48 -9.56 1.93
C LEU A 6 -3.26 -8.36 1.41
N ILE A 7 -3.16 -7.26 2.14
CA ILE A 7 -3.86 -6.04 1.77
C ILE A 7 -3.22 -5.45 0.51
N ASP A 8 -1.90 -5.58 0.44
CA ASP A 8 -1.16 -5.07 -0.70
C ASP A 8 -1.80 -5.59 -1.99
N ARG A 9 -2.41 -6.76 -1.89
CA ARG A 9 -3.07 -7.37 -3.03
C ARG A 9 -4.46 -6.79 -3.22
N ILE A 10 -5.01 -6.28 -2.12
CA ILE A 10 -6.33 -5.69 -2.15
C ILE A 10 -6.22 -4.21 -2.52
N THR A 11 -5.04 -3.65 -2.24
CA THR A 11 -4.79 -2.25 -2.54
C THR A 11 -3.84 -2.11 -3.72
N GLU A 12 -3.37 -3.26 -4.19
CA GLU A 12 -2.45 -3.29 -5.32
C GLU A 12 -2.91 -2.30 -6.39
N ARG A 13 -4.22 -2.12 -6.47
CA ARG A 13 -4.79 -1.21 -7.45
C ARG A 13 -4.13 0.17 -7.34
N ALA A 14 -3.51 0.41 -6.19
CA ALA A 14 -2.84 1.67 -5.97
C ALA A 14 -1.54 1.72 -6.77
N GLU A 15 -0.68 0.76 -6.49
CA GLU A 15 0.60 0.68 -7.18
C GLU A 15 0.38 0.24 -8.63
N ASP A 16 -0.85 -0.11 -8.93
CA ASP A 16 -1.21 -0.56 -10.27
C ASP A 16 -1.61 0.65 -11.12
N SER A 17 -1.08 1.80 -10.74
CA SER A 17 -1.39 3.04 -11.45
C SER A 17 -0.71 4.22 -10.75
N GLY A 18 -0.63 4.13 -9.44
CA GLY A 18 -0.01 5.17 -8.65
C GLY A 18 -0.82 5.46 -7.39
N ASN A 19 -0.39 4.86 -6.30
CA ASN A 19 -1.07 5.04 -5.02
C ASN A 19 -1.39 6.52 -4.83
N GLU A 20 -0.58 7.36 -5.46
CA GLU A 20 -0.76 8.80 -5.37
C GLU A 20 -1.74 9.28 -6.45
N SER A 21 -2.72 8.43 -6.74
CA SER A 21 -3.72 8.75 -7.74
C SER A 21 -5.11 8.72 -7.12
N GLU A 22 -5.31 7.75 -6.23
CA GLU A 22 -6.59 7.60 -5.57
C GLU A 22 -6.43 6.78 -4.28
N GLY A 23 -5.22 6.85 -3.73
CA GLY A 23 -4.93 6.12 -2.51
C GLY A 23 -6.06 6.26 -1.49
N ASP A 24 -5.89 7.21 -0.59
CA ASP A 24 -6.88 7.47 0.44
C ASP A 24 -6.88 6.30 1.43
N GLN A 25 -7.18 5.12 0.92
CA GLN A 25 -7.23 3.92 1.74
C GLN A 25 -5.87 3.71 2.41
N GLU A 26 -4.85 3.54 1.58
CA GLU A 26 -3.50 3.31 2.08
C GLU A 26 -3.09 4.45 3.02
N GLU A 27 -3.75 5.58 2.85
CA GLU A 27 -3.46 6.74 3.68
C GLU A 27 -3.31 6.32 5.14
N LEU A 28 -4.20 5.45 5.57
CA LEU A 28 -4.18 4.96 6.94
C LEU A 28 -3.86 3.46 6.94
N SER A 29 -3.92 2.88 5.75
CA SER A 29 -3.64 1.46 5.61
C SER A 29 -2.13 1.23 5.52
N ALA A 30 -1.49 2.04 4.69
CA ALA A 30 -0.05 1.93 4.51
C ALA A 30 0.66 2.51 5.73
N LEU A 31 -0.14 3.04 6.64
CA LEU A 31 0.39 3.64 7.85
C LEU A 31 0.09 2.72 9.04
N VAL A 32 -1.18 2.34 9.15
CA VAL A 32 -1.61 1.47 10.22
C VAL A 32 -0.99 0.09 10.05
N GLU A 33 -0.81 -0.29 8.78
CA GLU A 33 -0.22 -1.58 8.46
C GLU A 33 1.25 -1.41 8.09
N ARG A 34 1.47 -0.86 6.90
CA ARG A 34 2.81 -0.64 6.42
C ARG A 34 3.49 0.49 7.21
N GLY A 35 4.72 0.80 6.82
CA GLY A 35 5.48 1.84 7.47
C GLY A 35 6.68 2.27 6.63
N HIS A 36 6.49 2.18 5.31
CA HIS A 36 7.55 2.56 4.39
C HIS A 36 7.08 3.74 3.54
N LEU A 37 5.81 4.07 3.69
CA LEU A 37 5.23 5.19 2.95
C LEU A 37 5.60 5.06 1.47
N ALA A 38 5.73 3.82 1.03
CA ALA A 38 6.08 3.54 -0.35
C ALA A 38 5.16 2.47 -0.91
N PRO A 39 3.85 2.81 -1.01
CA PRO A 39 2.86 1.88 -1.52
C PRO A 39 2.98 1.74 -3.04
N TRP A 40 3.35 2.84 -3.68
CA TRP A 40 3.50 2.86 -5.12
C TRP A 40 4.90 2.34 -5.46
N ASP A 41 5.86 2.77 -4.65
CA ASP A 41 7.25 2.36 -4.85
C ASP A 41 7.42 0.91 -4.38
N VAL A 42 6.69 0.57 -3.34
CA VAL A 42 6.75 -0.77 -2.79
C VAL A 42 8.19 -1.28 -2.83
N ASP A 43 9.11 -0.35 -2.58
CA ASP A 43 10.52 -0.68 -2.58
C ASP A 43 10.98 -0.91 -1.13
N ASP A 44 10.72 0.06 -0.29
CA ASP A 44 11.10 -0.03 1.11
C ASP A 44 10.24 -1.08 1.80
N LEU A 45 10.38 -2.32 1.34
CA LEU A 45 9.63 -3.42 1.91
C LEU A 45 10.30 -4.75 1.55
N GLY A 1 0.04 -14.80 9.98
CA GLY A 1 0.08 -13.53 9.28
C GLY A 1 -0.30 -13.70 7.81
N SER A 2 -0.99 -12.70 7.28
CA SER A 2 -1.41 -12.72 5.90
C SER A 2 -2.17 -11.44 5.56
N ILE A 3 -2.98 -11.00 6.51
CA ILE A 3 -3.77 -9.80 6.33
C ILE A 3 -2.84 -8.63 6.00
N ASP A 4 -1.57 -8.82 6.33
CA ASP A 4 -0.57 -7.79 6.08
C ASP A 4 -0.39 -7.61 4.57
N ARG A 5 -0.54 -8.71 3.85
CA ARG A 5 -0.41 -8.69 2.41
C ARG A 5 -1.76 -8.96 1.74
N LEU A 6 -2.69 -9.46 2.55
CA LEU A 6 -4.02 -9.77 2.05
C LEU A 6 -4.67 -8.48 1.52
N ILE A 7 -4.34 -7.38 2.16
CA ILE A 7 -4.88 -6.09 1.77
C ILE A 7 -4.12 -5.57 0.55
N ASP A 8 -2.84 -5.93 0.48
CA ASP A 8 -1.99 -5.51 -0.61
C ASP A 8 -2.72 -5.78 -1.94
N ARG A 9 -3.46 -6.87 -1.96
CA ARG A 9 -4.20 -7.25 -3.14
C ARG A 9 -5.49 -6.43 -3.25
N ILE A 10 -5.97 -5.98 -2.10
CA ILE A 10 -7.18 -5.18 -2.05
C ILE A 10 -6.84 -3.71 -2.31
N THR A 11 -5.59 -3.37 -2.01
CA THR A 11 -5.12 -2.01 -2.21
C THR A 11 -4.13 -1.95 -3.36
N GLU A 12 -3.85 -3.11 -3.92
CA GLU A 12 -2.91 -3.21 -5.04
C GLU A 12 -3.16 -2.07 -6.04
N ARG A 13 -4.41 -1.65 -6.10
CA ARG A 13 -4.79 -0.58 -7.01
C ARG A 13 -3.90 0.65 -6.78
N ALA A 14 -3.43 0.78 -5.54
CA ALA A 14 -2.57 1.89 -5.19
C ALA A 14 -1.20 1.70 -5.82
N GLU A 15 -0.51 0.67 -5.36
CA GLU A 15 0.82 0.36 -5.86
C GLU A 15 0.76 0.07 -7.37
N ASP A 16 -0.47 -0.14 -7.85
CA ASP A 16 -0.67 -0.43 -9.25
C ASP A 16 -0.79 0.89 -10.03
N SER A 17 0.09 1.82 -9.69
CA SER A 17 0.10 3.12 -10.34
C SER A 17 0.89 4.12 -9.49
N GLY A 18 0.90 3.87 -8.19
CA GLY A 18 1.60 4.74 -7.27
C GLY A 18 1.01 4.67 -5.87
N ASN A 19 -0.18 5.25 -5.73
CA ASN A 19 -0.86 5.25 -4.44
C ASN A 19 -1.76 6.49 -4.36
N GLU A 20 -1.37 7.52 -5.10
CA GLU A 20 -2.11 8.77 -5.11
C GLU A 20 -3.22 8.71 -6.16
N SER A 21 -3.52 7.49 -6.61
CA SER A 21 -4.54 7.29 -7.61
C SER A 21 -5.77 6.62 -6.96
N GLU A 22 -5.66 6.37 -5.67
CA GLU A 22 -6.74 5.75 -4.92
C GLU A 22 -7.14 6.62 -3.74
N GLY A 23 -6.15 6.93 -2.91
CA GLY A 23 -6.40 7.75 -1.74
C GLY A 23 -7.79 7.50 -1.17
N ASP A 24 -7.89 6.46 -0.36
CA ASP A 24 -9.17 6.11 0.25
C ASP A 24 -8.92 5.14 1.41
N GLN A 25 -8.89 3.86 1.07
CA GLN A 25 -8.66 2.81 2.06
C GLN A 25 -7.34 3.05 2.78
N GLU A 26 -6.32 3.38 1.98
CA GLU A 26 -5.00 3.63 2.54
C GLU A 26 -5.05 4.79 3.52
N GLU A 27 -3.94 5.51 3.60
CA GLU A 27 -3.85 6.65 4.50
C GLU A 27 -3.82 6.17 5.95
N LEU A 28 -4.87 5.47 6.34
CA LEU A 28 -4.98 4.95 7.69
C LEU A 28 -4.66 3.45 7.67
N SER A 29 -4.55 2.91 6.47
CA SER A 29 -4.24 1.49 6.31
C SER A 29 -2.83 1.32 5.77
N ALA A 30 -2.33 2.38 5.17
CA ALA A 30 -0.98 2.35 4.60
C ALA A 30 0.03 2.67 5.70
N LEU A 31 -0.49 3.14 6.82
CA LEU A 31 0.37 3.49 7.95
C LEU A 31 0.41 2.32 8.93
N VAL A 32 -0.55 1.41 8.76
CA VAL A 32 -0.62 0.24 9.61
C VAL A 32 0.23 -0.88 9.02
N GLU A 33 -0.29 -1.46 7.94
CA GLU A 33 0.41 -2.55 7.27
C GLU A 33 1.77 -2.07 6.76
N ARG A 34 1.72 -1.19 5.78
CA ARG A 34 2.94 -0.65 5.19
C ARG A 34 3.62 0.30 6.18
N GLY A 35 4.53 1.10 5.65
CA GLY A 35 5.26 2.06 6.47
C GLY A 35 6.30 2.81 5.64
N HIS A 36 6.86 2.10 4.67
CA HIS A 36 7.87 2.69 3.81
C HIS A 36 7.22 3.66 2.84
N LEU A 37 5.89 3.65 2.84
CA LEU A 37 5.13 4.52 1.97
C LEU A 37 5.80 4.58 0.60
N ALA A 38 6.41 3.47 0.22
CA ALA A 38 7.11 3.38 -1.06
C ALA A 38 6.67 2.10 -1.77
N PRO A 39 5.38 2.09 -2.20
CA PRO A 39 4.83 0.94 -2.89
C PRO A 39 5.33 0.88 -4.34
N TRP A 40 5.48 2.07 -4.92
CA TRP A 40 5.95 2.17 -6.29
C TRP A 40 7.47 2.06 -6.28
N ASP A 41 8.06 2.58 -5.21
CA ASP A 41 9.51 2.54 -5.05
C ASP A 41 9.88 1.62 -3.90
N VAL A 42 9.44 0.37 -4.01
CA VAL A 42 9.71 -0.62 -2.99
C VAL A 42 11.21 -0.91 -2.96
N ASP A 43 11.89 -0.46 -3.99
CA ASP A 43 13.33 -0.66 -4.10
C ASP A 43 14.03 0.06 -2.96
N ASP A 44 13.59 1.28 -2.71
CA ASP A 44 14.16 2.10 -1.64
C ASP A 44 13.54 1.68 -0.31
N LEU A 45 13.87 0.48 0.12
CA LEU A 45 13.35 -0.05 1.38
C LEU A 45 14.49 -0.15 2.39
N GLY A 1 1.44 -12.06 9.45
CA GLY A 1 2.48 -11.73 8.49
C GLY A 1 1.88 -11.51 7.09
N SER A 2 1.00 -12.41 6.71
CA SER A 2 0.35 -12.32 5.41
C SER A 2 -0.88 -11.42 5.49
N ILE A 3 -0.67 -10.23 6.07
CA ILE A 3 -1.75 -9.28 6.21
C ILE A 3 -1.26 -7.89 5.81
N ASP A 4 -0.09 -7.54 6.33
CA ASP A 4 0.51 -6.25 6.04
C ASP A 4 0.68 -6.11 4.52
N ARG A 5 0.96 -7.23 3.88
CA ARG A 5 1.16 -7.25 2.44
C ARG A 5 -0.12 -7.71 1.74
N LEU A 6 -1.01 -8.31 2.52
CA LEU A 6 -2.27 -8.81 1.99
C LEU A 6 -3.03 -7.64 1.35
N ILE A 7 -2.99 -6.50 2.02
CA ILE A 7 -3.67 -5.33 1.53
C ILE A 7 -2.98 -4.83 0.26
N ASP A 8 -1.67 -5.04 0.22
CA ASP A 8 -0.88 -4.63 -0.93
C ASP A 8 -1.55 -5.12 -2.21
N ARG A 9 -2.17 -6.29 -2.11
CA ARG A 9 -2.86 -6.88 -3.24
C ARG A 9 -4.25 -6.26 -3.41
N ILE A 10 -4.77 -5.75 -2.30
CA ILE A 10 -6.08 -5.13 -2.31
C ILE A 10 -5.95 -3.67 -2.71
N THR A 11 -4.76 -3.12 -2.48
CA THR A 11 -4.49 -1.73 -2.82
C THR A 11 -3.51 -1.65 -3.98
N GLU A 12 -3.12 -2.82 -4.48
CA GLU A 12 -2.19 -2.90 -5.58
C GLU A 12 -2.64 -1.96 -6.71
N ARG A 13 -3.94 -1.71 -6.75
CA ARG A 13 -4.51 -0.83 -7.77
C ARG A 13 -4.01 0.60 -7.56
N ALA A 14 -3.63 0.90 -6.34
CA ALA A 14 -3.14 2.22 -5.99
C ALA A 14 -1.73 2.40 -6.57
N GLU A 15 -0.81 1.61 -6.03
CA GLU A 15 0.57 1.68 -6.48
C GLU A 15 0.64 1.52 -8.01
N ASP A 16 -0.35 0.85 -8.55
CA ASP A 16 -0.42 0.63 -9.98
C ASP A 16 0.03 1.90 -10.71
N SER A 17 -0.24 3.03 -10.07
CA SER A 17 0.12 4.31 -10.64
C SER A 17 1.16 5.01 -9.76
N GLY A 18 0.76 5.25 -8.51
CA GLY A 18 1.65 5.90 -7.56
C GLY A 18 0.88 6.27 -6.28
N ASN A 19 0.01 5.37 -5.86
CA ASN A 19 -0.78 5.59 -4.67
C ASN A 19 -1.95 6.52 -4.99
N GLU A 20 -1.61 7.66 -5.56
CA GLU A 20 -2.62 8.65 -5.92
C GLU A 20 -3.44 8.14 -7.11
N SER A 21 -4.20 7.09 -6.87
CA SER A 21 -5.03 6.51 -7.91
C SER A 21 -6.21 5.76 -7.27
N GLU A 22 -5.90 5.01 -6.23
CA GLU A 22 -6.92 4.25 -5.53
C GLU A 22 -6.58 4.15 -4.04
N GLY A 23 -5.83 5.13 -3.57
CA GLY A 23 -5.43 5.17 -2.18
C GLY A 23 -6.64 5.38 -1.26
N ASP A 24 -6.60 6.49 -0.53
CA ASP A 24 -7.70 6.80 0.37
C ASP A 24 -7.68 5.83 1.55
N GLN A 25 -7.86 4.55 1.21
CA GLN A 25 -7.87 3.51 2.22
C GLN A 25 -6.55 3.49 2.99
N GLU A 26 -5.47 3.28 2.24
CA GLU A 26 -4.15 3.23 2.83
C GLU A 26 -3.96 4.41 3.81
N GLU A 27 -4.69 5.48 3.55
CA GLU A 27 -4.62 6.66 4.39
C GLU A 27 -4.52 6.25 5.86
N LEU A 28 -5.36 5.29 6.24
CA LEU A 28 -5.37 4.80 7.61
C LEU A 28 -5.10 3.30 7.61
N SER A 29 -4.97 2.74 6.41
CA SER A 29 -4.70 1.33 6.26
C SER A 29 -3.20 1.08 6.16
N ALA A 30 -2.50 2.06 5.59
CA ALA A 30 -1.06 1.96 5.43
C ALA A 30 -0.37 2.50 6.68
N LEU A 31 -1.18 2.73 7.71
CA LEU A 31 -0.67 3.26 8.96
C LEU A 31 -0.77 2.17 10.03
N VAL A 32 -1.68 1.24 9.79
CA VAL A 32 -1.89 0.14 10.73
C VAL A 32 -0.94 -1.00 10.39
N GLU A 33 -0.54 -1.05 9.13
CA GLU A 33 0.36 -2.09 8.66
C GLU A 33 1.61 -1.46 8.04
N ARG A 34 1.41 -0.87 6.85
CA ARG A 34 2.51 -0.23 6.14
C ARG A 34 3.22 0.76 7.06
N GLY A 35 4.18 1.47 6.47
CA GLY A 35 4.95 2.45 7.22
C GLY A 35 5.93 3.18 6.30
N HIS A 36 6.49 2.43 5.35
CA HIS A 36 7.44 2.99 4.41
C HIS A 36 6.71 3.91 3.43
N LEU A 37 5.39 3.87 3.50
CA LEU A 37 4.57 4.68 2.62
C LEU A 37 5.18 4.69 1.22
N ALA A 38 5.65 3.52 0.81
CA ALA A 38 6.26 3.37 -0.50
C ALA A 38 5.68 2.12 -1.18
N PRO A 39 4.36 2.18 -1.47
CA PRO A 39 3.69 1.07 -2.13
C PRO A 39 4.04 1.00 -3.61
N TRP A 40 4.31 2.17 -4.18
CA TRP A 40 4.66 2.26 -5.58
C TRP A 40 6.18 2.06 -5.70
N ASP A 41 6.88 2.48 -4.66
CA ASP A 41 8.32 2.35 -4.64
C ASP A 41 8.73 1.37 -3.54
N VAL A 42 8.06 0.23 -3.53
CA VAL A 42 8.33 -0.80 -2.55
C VAL A 42 9.78 -1.25 -2.67
N ASP A 43 10.22 -1.39 -3.92
CA ASP A 43 11.58 -1.81 -4.19
C ASP A 43 11.98 -2.89 -3.19
N ASP A 44 11.16 -3.92 -3.11
CA ASP A 44 11.41 -5.02 -2.19
C ASP A 44 11.36 -4.51 -0.76
N LEU A 45 10.29 -3.78 -0.47
CA LEU A 45 10.11 -3.23 0.87
C LEU A 45 11.45 -2.73 1.40
N GLY A 1 3.05 -14.65 7.36
CA GLY A 1 3.23 -13.21 7.27
C GLY A 1 2.61 -12.66 5.99
N SER A 2 1.38 -13.08 5.73
CA SER A 2 0.67 -12.64 4.54
C SER A 2 -0.63 -11.95 4.93
N ILE A 3 -0.52 -11.04 5.89
CA ILE A 3 -1.68 -10.31 6.37
C ILE A 3 -1.35 -8.81 6.40
N ASP A 4 -0.18 -8.51 6.94
CA ASP A 4 0.25 -7.12 7.04
C ASP A 4 0.48 -6.57 5.63
N ARG A 5 0.88 -7.45 4.74
CA ARG A 5 1.13 -7.06 3.36
C ARG A 5 0.01 -7.57 2.45
N LEU A 6 -1.07 -8.00 3.09
CA LEU A 6 -2.22 -8.51 2.35
C LEU A 6 -3.00 -7.34 1.76
N ILE A 7 -2.99 -6.23 2.49
CA ILE A 7 -3.69 -5.04 2.04
C ILE A 7 -3.14 -4.62 0.68
N ASP A 8 -1.90 -4.98 0.43
CA ASP A 8 -1.25 -4.65 -0.83
C ASP A 8 -2.13 -5.13 -1.99
N ARG A 9 -2.57 -6.37 -1.87
CA ARG A 9 -3.41 -6.97 -2.89
C ARG A 9 -4.85 -6.46 -2.76
N ILE A 10 -5.04 -5.57 -1.79
CA ILE A 10 -6.36 -5.00 -1.55
C ILE A 10 -6.34 -3.52 -1.93
N THR A 11 -5.14 -2.97 -1.98
CA THR A 11 -4.97 -1.56 -2.32
C THR A 11 -4.13 -1.42 -3.59
N GLU A 12 -3.64 -2.56 -4.07
CA GLU A 12 -2.82 -2.57 -5.26
C GLU A 12 -3.36 -1.56 -6.28
N ARG A 13 -4.66 -1.37 -6.25
CA ARG A 13 -5.30 -0.44 -7.16
C ARG A 13 -4.55 0.90 -7.17
N ALA A 14 -3.84 1.15 -6.08
CA ALA A 14 -3.07 2.39 -5.95
C ALA A 14 -1.76 2.24 -6.72
N GLU A 15 -0.90 1.37 -6.22
CA GLU A 15 0.39 1.14 -6.83
C GLU A 15 0.20 0.69 -8.29
N ASP A 16 -1.00 0.21 -8.57
CA ASP A 16 -1.32 -0.26 -9.91
C ASP A 16 -1.09 0.88 -10.91
N SER A 17 -1.11 2.08 -10.39
CA SER A 17 -0.91 3.27 -11.22
C SER A 17 0.25 4.10 -10.67
N GLY A 18 0.17 4.38 -9.38
CA GLY A 18 1.21 5.17 -8.73
C GLY A 18 0.68 5.80 -7.44
N ASN A 19 -0.07 5.00 -6.69
CA ASN A 19 -0.63 5.47 -5.43
C ASN A 19 -1.72 6.50 -5.73
N GLU A 20 -1.28 7.64 -6.26
CA GLU A 20 -2.21 8.71 -6.60
C GLU A 20 -3.51 8.14 -7.15
N SER A 21 -3.37 7.04 -7.88
CA SER A 21 -4.52 6.39 -8.47
C SER A 21 -5.72 6.47 -7.52
N GLU A 22 -5.42 6.43 -6.23
CA GLU A 22 -6.45 6.51 -5.22
C GLU A 22 -5.87 6.17 -3.84
N GLY A 23 -4.79 6.85 -3.51
CA GLY A 23 -4.13 6.63 -2.23
C GLY A 23 -4.91 7.28 -1.09
N ASP A 24 -6.16 6.85 -0.95
CA ASP A 24 -7.02 7.37 0.08
C ASP A 24 -7.30 6.27 1.11
N GLN A 25 -7.47 5.06 0.61
CA GLN A 25 -7.74 3.92 1.47
C GLN A 25 -6.50 3.58 2.30
N GLU A 26 -5.42 3.29 1.58
CA GLU A 26 -4.16 2.94 2.23
C GLU A 26 -3.73 4.06 3.17
N GLU A 27 -4.24 5.26 2.90
CA GLU A 27 -3.91 6.42 3.72
C GLU A 27 -4.34 6.18 5.16
N LEU A 28 -5.32 5.31 5.33
CA LEU A 28 -5.83 4.99 6.66
C LEU A 28 -5.81 3.48 6.86
N SER A 29 -5.27 2.79 5.85
CA SER A 29 -5.18 1.34 5.90
C SER A 29 -3.72 0.91 5.98
N ALA A 30 -2.92 1.47 5.09
CA ALA A 30 -1.50 1.15 5.04
C ALA A 30 -0.79 1.85 6.20
N LEU A 31 -1.51 2.76 6.83
CA LEU A 31 -0.97 3.50 7.95
C LEU A 31 -1.27 2.74 9.25
N VAL A 32 -1.83 1.55 9.08
CA VAL A 32 -2.18 0.72 10.23
C VAL A 32 -1.25 -0.49 10.27
N GLU A 33 -0.67 -0.80 9.11
CA GLU A 33 0.23 -1.92 9.00
C GLU A 33 1.55 -1.48 8.36
N ARG A 34 1.51 -1.27 7.06
CA ARG A 34 2.68 -0.84 6.33
C ARG A 34 3.42 0.25 7.09
N GLY A 35 4.73 0.08 7.20
CA GLY A 35 5.56 1.04 7.90
C GLY A 35 6.52 1.75 6.94
N HIS A 36 6.80 1.07 5.83
CA HIS A 36 7.69 1.62 4.83
C HIS A 36 6.97 2.71 4.04
N LEU A 37 5.66 2.76 4.22
CA LEU A 37 4.84 3.75 3.54
C LEU A 37 5.33 3.90 2.10
N ALA A 38 5.71 2.78 1.51
CA ALA A 38 6.21 2.78 0.15
C ALA A 38 5.49 1.69 -0.65
N PRO A 39 4.16 1.90 -0.85
CA PRO A 39 3.35 0.95 -1.59
C PRO A 39 3.62 1.05 -3.09
N TRP A 40 3.88 2.27 -3.54
CA TRP A 40 4.15 2.51 -4.95
C TRP A 40 5.63 2.20 -5.19
N ASP A 41 6.45 2.55 -4.21
CA ASP A 41 7.88 2.33 -4.30
C ASP A 41 8.28 1.26 -3.27
N VAL A 42 7.71 0.08 -3.45
CA VAL A 42 8.01 -1.04 -2.56
C VAL A 42 9.50 -1.39 -2.67
N ASP A 43 10.11 -0.87 -3.71
CA ASP A 43 11.52 -1.12 -3.95
C ASP A 43 12.32 -0.73 -2.70
N ASP A 44 11.70 0.10 -1.88
CA ASP A 44 12.34 0.56 -0.65
C ASP A 44 12.74 -0.67 0.20
N LEU A 45 11.90 -1.69 0.13
CA LEU A 45 12.15 -2.90 0.88
C LEU A 45 12.83 -3.93 -0.03
N GLY A 1 -2.33 -12.31 11.66
CA GLY A 1 -1.28 -11.91 10.73
C GLY A 1 -1.72 -12.20 9.29
N SER A 2 -0.84 -11.86 8.36
CA SER A 2 -1.11 -12.08 6.95
C SER A 2 -2.11 -11.03 6.44
N ILE A 3 -3.27 -11.03 7.08
CA ILE A 3 -4.32 -10.09 6.71
C ILE A 3 -3.70 -8.72 6.41
N ASP A 4 -2.59 -8.46 7.09
CA ASP A 4 -1.88 -7.19 6.91
C ASP A 4 -1.51 -7.03 5.44
N ARG A 5 -0.55 -7.83 5.01
CA ARG A 5 -0.08 -7.79 3.64
C ARG A 5 -1.16 -8.36 2.70
N LEU A 6 -2.14 -9.00 3.30
CA LEU A 6 -3.22 -9.60 2.54
C LEU A 6 -3.96 -8.50 1.76
N ILE A 7 -3.99 -7.31 2.36
CA ILE A 7 -4.65 -6.18 1.74
C ILE A 7 -3.76 -5.62 0.63
N ASP A 8 -2.45 -5.77 0.82
CA ASP A 8 -1.49 -5.30 -0.16
C ASP A 8 -1.91 -5.78 -1.55
N ARG A 9 -2.46 -6.98 -1.59
CA ARG A 9 -2.91 -7.56 -2.84
C ARG A 9 -4.27 -6.99 -3.23
N ILE A 10 -5.02 -6.56 -2.23
CA ILE A 10 -6.33 -5.99 -2.45
C ILE A 10 -6.20 -4.51 -2.79
N THR A 11 -5.10 -3.92 -2.34
CA THR A 11 -4.83 -2.52 -2.58
C THR A 11 -3.71 -2.36 -3.60
N GLU A 12 -3.16 -3.49 -4.02
CA GLU A 12 -2.08 -3.49 -4.99
C GLU A 12 -2.43 -2.58 -6.17
N ARG A 13 -3.73 -2.41 -6.38
CA ARG A 13 -4.20 -1.57 -7.47
C ARG A 13 -3.76 -0.11 -7.25
N ALA A 14 -3.35 0.16 -6.02
CA ALA A 14 -2.90 1.49 -5.67
C ALA A 14 -1.50 1.72 -6.25
N GLU A 15 -0.61 0.78 -5.96
CA GLU A 15 0.75 0.87 -6.45
C GLU A 15 0.84 0.38 -7.89
N ASP A 16 -0.33 0.12 -8.46
CA ASP A 16 -0.40 -0.36 -9.83
C ASP A 16 -0.90 0.77 -10.74
N SER A 17 -0.66 1.99 -10.28
CA SER A 17 -1.09 3.16 -11.04
C SER A 17 -0.58 4.44 -10.36
N GLY A 18 -0.64 4.42 -9.03
CA GLY A 18 -0.19 5.56 -8.25
C GLY A 18 -1.04 5.73 -6.99
N ASN A 19 -0.69 4.95 -5.97
CA ASN A 19 -1.40 5.00 -4.70
C ASN A 19 -1.76 6.45 -4.39
N GLU A 20 -0.88 7.34 -4.79
CA GLU A 20 -1.08 8.76 -4.55
C GLU A 20 -1.98 9.36 -5.64
N SER A 21 -3.23 8.91 -5.65
CA SER A 21 -4.19 9.39 -6.62
C SER A 21 -5.61 9.21 -6.10
N GLU A 22 -5.85 8.03 -5.54
CA GLU A 22 -7.16 7.71 -4.99
C GLU A 22 -7.03 7.13 -3.59
N GLY A 23 -5.79 7.11 -3.10
CA GLY A 23 -5.51 6.58 -1.79
C GLY A 23 -5.72 5.06 -1.75
N ASP A 24 -6.94 4.67 -2.05
CA ASP A 24 -7.29 3.25 -2.05
C ASP A 24 -7.58 2.79 -0.62
N GLN A 25 -6.60 2.97 0.24
CA GLN A 25 -6.73 2.58 1.63
C GLN A 25 -5.43 2.84 2.38
N GLU A 26 -4.33 2.67 1.67
CA GLU A 26 -3.01 2.87 2.26
C GLU A 26 -3.04 4.07 3.21
N GLU A 27 -3.92 5.02 2.89
CA GLU A 27 -4.05 6.21 3.71
C GLU A 27 -3.91 5.87 5.19
N LEU A 28 -4.52 4.75 5.57
CA LEU A 28 -4.47 4.31 6.95
C LEU A 28 -4.11 2.83 6.98
N SER A 29 -3.83 2.29 5.81
CA SER A 29 -3.46 0.89 5.68
C SER A 29 -1.95 0.74 5.52
N ALA A 30 -1.34 1.79 4.97
CA ALA A 30 0.09 1.80 4.77
C ALA A 30 0.80 2.24 6.05
N LEU A 31 -0.01 2.40 7.10
CA LEU A 31 0.52 2.82 8.39
C LEU A 31 0.47 1.64 9.36
N VAL A 32 -0.48 0.74 9.10
CA VAL A 32 -0.64 -0.43 9.93
C VAL A 32 0.14 -1.60 9.33
N GLU A 33 0.13 -1.65 8.00
CA GLU A 33 0.84 -2.71 7.30
C GLU A 33 2.16 -2.19 6.74
N ARG A 34 2.05 -1.35 5.73
CA ARG A 34 3.24 -0.77 5.10
C ARG A 34 4.07 -0.02 6.14
N GLY A 35 5.03 0.75 5.64
CA GLY A 35 5.90 1.52 6.51
C GLY A 35 6.70 2.55 5.71
N HIS A 36 7.13 2.13 4.53
CA HIS A 36 7.90 3.01 3.66
C HIS A 36 7.01 4.14 3.16
N LEU A 37 5.71 3.93 3.28
CA LEU A 37 4.74 4.93 2.84
C LEU A 37 5.10 5.40 1.42
N ALA A 38 5.82 4.54 0.72
CA ALA A 38 6.23 4.84 -0.64
C ALA A 38 6.00 3.61 -1.53
N PRO A 39 4.71 3.19 -1.61
CA PRO A 39 4.35 2.04 -2.41
C PRO A 39 4.36 2.38 -3.90
N TRP A 40 4.71 3.63 -4.18
CA TRP A 40 4.77 4.10 -5.56
C TRP A 40 6.23 4.06 -6.01
N ASP A 41 7.11 4.38 -5.08
CA ASP A 41 8.53 4.39 -5.36
C ASP A 41 9.12 3.00 -5.08
N VAL A 42 8.49 2.32 -4.13
CA VAL A 42 8.93 0.99 -3.76
C VAL A 42 10.46 0.96 -3.73
N ASP A 43 11.02 1.57 -2.70
CA ASP A 43 12.46 1.62 -2.54
C ASP A 43 12.86 0.86 -1.28
N ASP A 44 12.14 -0.22 -1.02
CA ASP A 44 12.41 -1.03 0.16
C ASP A 44 11.50 -2.27 0.13
N LEU A 45 11.46 -2.91 -1.03
CA LEU A 45 10.65 -4.10 -1.20
C LEU A 45 11.49 -5.21 -1.81
N GLY A 1 1.51 -10.16 9.25
CA GLY A 1 1.02 -11.45 8.80
C GLY A 1 0.62 -11.40 7.33
N SER A 2 0.25 -12.57 6.81
CA SER A 2 -0.16 -12.67 5.42
C SER A 2 -1.46 -11.90 5.19
N ILE A 3 -2.38 -12.07 6.14
CA ILE A 3 -3.66 -11.40 6.06
C ILE A 3 -3.46 -9.89 6.24
N ASP A 4 -2.40 -9.55 6.93
CA ASP A 4 -2.08 -8.15 7.18
C ASP A 4 -1.61 -7.50 5.88
N ARG A 5 -0.76 -8.23 5.17
CA ARG A 5 -0.23 -7.73 3.90
C ARG A 5 -1.08 -8.24 2.74
N LEU A 6 -2.30 -8.63 3.06
CA LEU A 6 -3.21 -9.14 2.06
C LEU A 6 -3.86 -7.97 1.33
N ILE A 7 -4.21 -6.95 2.10
CA ILE A 7 -4.83 -5.76 1.53
C ILE A 7 -3.98 -5.25 0.37
N ASP A 8 -2.71 -5.63 0.39
CA ASP A 8 -1.79 -5.21 -0.65
C ASP A 8 -2.36 -5.60 -2.01
N ARG A 9 -2.75 -6.86 -2.12
CA ARG A 9 -3.32 -7.37 -3.37
C ARG A 9 -4.78 -6.94 -3.49
N ILE A 10 -5.22 -6.14 -2.53
CA ILE A 10 -6.59 -5.66 -2.52
C ILE A 10 -6.58 -4.15 -2.79
N THR A 11 -5.44 -3.54 -2.54
CA THR A 11 -5.29 -2.11 -2.74
C THR A 11 -4.23 -1.83 -3.81
N GLU A 12 -3.59 -2.90 -4.25
CA GLU A 12 -2.56 -2.79 -5.27
C GLU A 12 -2.98 -1.79 -6.35
N ARG A 13 -4.27 -1.80 -6.63
CA ARG A 13 -4.82 -0.91 -7.65
C ARG A 13 -4.32 0.53 -7.42
N ALA A 14 -3.93 0.79 -6.18
CA ALA A 14 -3.44 2.11 -5.81
C ALA A 14 -2.09 2.35 -6.49
N GLU A 15 -1.14 1.46 -6.19
CA GLU A 15 0.19 1.56 -6.75
C GLU A 15 0.18 1.10 -8.21
N ASP A 16 -0.75 0.20 -8.51
CA ASP A 16 -0.87 -0.33 -9.86
C ASP A 16 -0.68 0.80 -10.87
N SER A 17 -1.06 2.00 -10.44
CA SER A 17 -0.93 3.18 -11.30
C SER A 17 0.29 4.00 -10.87
N GLY A 18 0.21 4.54 -9.67
CA GLY A 18 1.29 5.35 -9.13
C GLY A 18 0.86 6.05 -7.85
N ASN A 19 0.09 5.33 -7.04
CA ASN A 19 -0.38 5.88 -5.77
C ASN A 19 -1.55 6.82 -6.04
N GLU A 20 -1.30 7.79 -6.92
CA GLU A 20 -2.32 8.76 -7.28
C GLU A 20 -3.46 8.08 -8.04
N SER A 21 -4.20 7.25 -7.32
CA SER A 21 -5.31 6.54 -7.92
C SER A 21 -6.30 6.09 -6.83
N GLU A 22 -5.74 5.59 -5.75
CA GLU A 22 -6.55 5.13 -4.64
C GLU A 22 -5.88 5.47 -3.30
N GLY A 23 -4.99 6.46 -3.37
CA GLY A 23 -4.27 6.89 -2.18
C GLY A 23 -5.22 7.56 -1.18
N ASP A 24 -6.19 6.79 -0.73
CA ASP A 24 -7.17 7.28 0.23
C ASP A 24 -7.34 6.27 1.35
N GLN A 25 -7.51 5.01 0.94
CA GLN A 25 -7.69 3.94 1.90
C GLN A 25 -6.43 3.74 2.73
N GLU A 26 -5.29 3.75 2.04
CA GLU A 26 -4.01 3.58 2.71
C GLU A 26 -3.75 4.74 3.67
N GLU A 27 -2.49 5.09 3.80
CA GLU A 27 -2.10 6.17 4.68
C GLU A 27 -2.30 5.77 6.14
N LEU A 28 -3.54 5.44 6.47
CA LEU A 28 -3.88 5.04 7.82
C LEU A 28 -3.95 3.51 7.89
N SER A 29 -3.91 2.90 6.71
CA SER A 29 -3.98 1.44 6.63
C SER A 29 -2.61 0.89 6.22
N ALA A 30 -1.81 1.76 5.62
CA ALA A 30 -0.48 1.37 5.18
C ALA A 30 0.49 1.46 6.36
N LEU A 31 0.01 2.09 7.43
CA LEU A 31 0.83 2.24 8.63
C LEU A 31 0.71 0.98 9.48
N VAL A 32 -0.52 0.54 9.67
CA VAL A 32 -0.78 -0.65 10.46
C VAL A 32 -0.17 -1.87 9.77
N GLU A 33 -0.26 -1.87 8.45
CA GLU A 33 0.28 -2.96 7.67
C GLU A 33 1.73 -2.67 7.28
N ARG A 34 1.88 -1.71 6.37
CA ARG A 34 3.20 -1.32 5.91
C ARG A 34 3.82 -0.28 6.86
N GLY A 35 4.65 0.57 6.28
CA GLY A 35 5.31 1.61 7.06
C GLY A 35 6.17 2.50 6.16
N HIS A 36 6.77 1.87 5.17
CA HIS A 36 7.62 2.59 4.23
C HIS A 36 6.77 3.54 3.39
N LEU A 37 5.47 3.29 3.41
CA LEU A 37 4.54 4.11 2.64
C LEU A 37 5.09 4.30 1.22
N ALA A 38 5.62 3.22 0.67
CA ALA A 38 6.18 3.26 -0.67
C ALA A 38 5.66 2.07 -1.46
N PRO A 39 4.33 2.04 -1.68
CA PRO A 39 3.70 0.96 -2.43
C PRO A 39 3.97 1.10 -3.93
N TRP A 40 4.17 2.33 -4.35
CA TRP A 40 4.44 2.62 -5.75
C TRP A 40 5.95 2.58 -5.95
N ASP A 41 6.66 3.19 -5.01
CA ASP A 41 8.11 3.24 -5.07
C ASP A 41 8.67 1.85 -4.75
N VAL A 42 8.13 1.26 -3.70
CA VAL A 42 8.58 -0.06 -3.27
C VAL A 42 10.09 -0.15 -3.39
N ASP A 43 10.76 0.90 -2.91
CA ASP A 43 12.21 0.95 -2.96
C ASP A 43 12.77 0.71 -1.55
N ASP A 44 12.38 1.58 -0.63
CA ASP A 44 12.83 1.49 0.74
C ASP A 44 12.18 0.27 1.40
N LEU A 45 12.56 -0.90 0.92
CA LEU A 45 12.01 -2.14 1.45
C LEU A 45 13.16 -3.01 1.99
N GLY A 1 0.46 -13.11 9.42
CA GLY A 1 1.44 -12.13 8.98
C GLY A 1 1.12 -11.64 7.57
N SER A 2 0.97 -12.59 6.65
CA SER A 2 0.66 -12.26 5.27
C SER A 2 -0.40 -11.16 5.22
N ILE A 3 -1.25 -11.16 6.23
CA ILE A 3 -2.31 -10.15 6.31
C ILE A 3 -1.71 -8.77 6.06
N ASP A 4 -0.49 -8.59 6.54
CA ASP A 4 0.20 -7.32 6.37
C ASP A 4 0.33 -7.01 4.88
N ARG A 5 0.94 -7.94 4.16
CA ARG A 5 1.14 -7.77 2.73
C ARG A 5 -0.04 -8.36 1.96
N LEU A 6 -1.18 -8.39 2.64
CA LEU A 6 -2.39 -8.92 2.02
C LEU A 6 -3.15 -7.79 1.33
N ILE A 7 -3.33 -6.71 2.06
CA ILE A 7 -4.03 -5.56 1.53
C ILE A 7 -3.25 -4.99 0.34
N ASP A 8 -2.01 -5.43 0.22
CA ASP A 8 -1.16 -4.99 -0.86
C ASP A 8 -1.80 -5.37 -2.19
N ARG A 9 -2.34 -6.58 -2.23
CA ARG A 9 -2.97 -7.08 -3.43
C ARG A 9 -4.41 -6.56 -3.53
N ILE A 10 -4.91 -6.11 -2.39
CA ILE A 10 -6.26 -5.58 -2.33
C ILE A 10 -6.25 -4.08 -2.64
N THR A 11 -5.10 -3.47 -2.37
CA THR A 11 -4.93 -2.05 -2.63
C THR A 11 -3.97 -1.82 -3.80
N GLU A 12 -3.42 -2.92 -4.29
CA GLU A 12 -2.49 -2.85 -5.40
C GLU A 12 -2.96 -1.82 -6.43
N ARG A 13 -4.27 -1.70 -6.53
CA ARG A 13 -4.87 -0.76 -7.47
C ARG A 13 -4.21 0.62 -7.32
N ALA A 14 -3.63 0.84 -6.15
CA ALA A 14 -2.97 2.11 -5.87
C ALA A 14 -1.57 2.08 -6.47
N GLU A 15 -0.71 1.29 -5.86
CA GLU A 15 0.67 1.16 -6.33
C GLU A 15 0.69 0.92 -7.85
N ASP A 16 -0.39 0.35 -8.33
CA ASP A 16 -0.51 0.06 -9.76
C ASP A 16 0.02 1.25 -10.56
N SER A 17 -0.09 2.42 -9.96
CA SER A 17 0.38 3.64 -10.61
C SER A 17 1.36 4.37 -9.70
N GLY A 18 0.85 4.85 -8.57
CA GLY A 18 1.68 5.57 -7.62
C GLY A 18 0.89 5.89 -6.35
N ASN A 19 -0.04 5.01 -6.04
CA ASN A 19 -0.88 5.18 -4.85
C ASN A 19 -1.93 6.25 -5.12
N GLU A 20 -1.44 7.42 -5.52
CA GLU A 20 -2.34 8.53 -5.81
C GLU A 20 -3.18 8.23 -7.06
N SER A 21 -4.06 7.25 -6.92
CA SER A 21 -4.91 6.85 -8.02
C SER A 21 -6.19 6.20 -7.48
N GLU A 22 -6.01 5.34 -6.50
CA GLU A 22 -7.13 4.64 -5.89
C GLU A 22 -6.87 4.44 -4.39
N GLY A 23 -6.00 5.27 -3.85
CA GLY A 23 -5.66 5.19 -2.44
C GLY A 23 -6.90 5.38 -1.57
N ASP A 24 -6.93 6.49 -0.86
CA ASP A 24 -8.06 6.80 0.01
C ASP A 24 -8.06 5.83 1.19
N GLN A 25 -8.28 4.55 0.87
CA GLN A 25 -8.31 3.53 1.89
C GLN A 25 -7.06 3.61 2.77
N GLU A 26 -5.96 4.00 2.15
CA GLU A 26 -4.71 4.13 2.86
C GLU A 26 -4.83 5.17 3.98
N GLU A 27 -3.72 5.85 4.24
CA GLU A 27 -3.69 6.87 5.28
C GLU A 27 -3.82 6.22 6.66
N LEU A 28 -4.92 5.51 6.85
CA LEU A 28 -5.18 4.84 8.11
C LEU A 28 -4.88 3.34 7.96
N SER A 29 -4.70 2.93 6.71
CA SER A 29 -4.42 1.54 6.42
C SER A 29 -2.96 1.38 6.02
N ALA A 30 -2.35 2.49 5.62
CA ALA A 30 -0.96 2.49 5.20
C ALA A 30 -0.07 2.77 6.42
N LEU A 31 -0.72 3.02 7.55
CA LEU A 31 -0.01 3.31 8.78
C LEU A 31 -0.06 2.07 9.68
N VAL A 32 -1.23 1.47 9.76
CA VAL A 32 -1.41 0.29 10.58
C VAL A 32 -0.56 -0.85 10.02
N GLU A 33 -0.63 -1.01 8.70
CA GLU A 33 0.12 -2.05 8.03
C GLU A 33 1.47 -1.51 7.56
N ARG A 34 1.42 -0.72 6.49
CA ARG A 34 2.64 -0.14 5.94
C ARG A 34 3.21 0.90 6.90
N GLY A 35 4.18 1.64 6.40
CA GLY A 35 4.82 2.68 7.19
C GLY A 35 5.79 3.51 6.34
N HIS A 36 6.47 2.82 5.43
CA HIS A 36 7.42 3.48 4.55
C HIS A 36 6.67 4.34 3.54
N LEU A 37 5.36 4.15 3.50
CA LEU A 37 4.53 4.90 2.58
C LEU A 37 5.20 4.97 1.22
N ALA A 38 5.75 3.84 0.81
CA ALA A 38 6.44 3.75 -0.47
C ALA A 38 5.99 2.49 -1.20
N PRO A 39 4.67 2.46 -1.53
CA PRO A 39 4.10 1.32 -2.23
C PRO A 39 4.51 1.32 -3.71
N TRP A 40 4.85 2.51 -4.19
CA TRP A 40 5.26 2.66 -5.57
C TRP A 40 6.79 2.62 -5.62
N ASP A 41 7.40 3.07 -4.54
CA ASP A 41 8.85 3.08 -4.44
C ASP A 41 9.30 2.04 -3.43
N VAL A 42 8.60 0.92 -3.42
CA VAL A 42 8.92 -0.16 -2.49
C VAL A 42 10.43 -0.30 -2.39
N ASP A 43 11.08 -0.37 -3.55
CA ASP A 43 12.52 -0.51 -3.60
C ASP A 43 12.98 -1.45 -2.49
N ASP A 44 12.12 -2.39 -2.15
CA ASP A 44 12.42 -3.36 -1.12
C ASP A 44 11.30 -4.40 -1.06
N LEU A 45 10.08 -3.92 -0.99
CA LEU A 45 8.92 -4.80 -0.93
C LEU A 45 8.60 -5.31 -2.34
N GLY A 1 1.99 -12.37 10.50
CA GLY A 1 1.97 -11.47 9.36
C GLY A 1 1.01 -11.97 8.28
N SER A 2 1.38 -11.69 7.04
CA SER A 2 0.58 -12.12 5.90
C SER A 2 -0.59 -11.15 5.70
N ILE A 3 -1.41 -11.04 6.72
CA ILE A 3 -2.57 -10.16 6.67
C ILE A 3 -2.08 -8.72 6.45
N ASP A 4 -0.87 -8.46 6.90
CA ASP A 4 -0.28 -7.14 6.75
C ASP A 4 -0.01 -6.86 5.28
N ARG A 5 0.66 -7.81 4.63
CA ARG A 5 0.99 -7.68 3.23
C ARG A 5 -0.16 -8.21 2.37
N LEU A 6 -1.26 -8.52 3.03
CA LEU A 6 -2.44 -9.03 2.35
C LEU A 6 -3.13 -7.89 1.59
N ILE A 7 -3.10 -6.72 2.22
CA ILE A 7 -3.72 -5.54 1.62
C ILE A 7 -2.92 -5.14 0.37
N ASP A 8 -1.63 -5.39 0.43
CA ASP A 8 -0.76 -5.06 -0.69
C ASP A 8 -1.38 -5.59 -1.99
N ARG A 9 -2.03 -6.74 -1.88
CA ARG A 9 -2.67 -7.35 -3.02
C ARG A 9 -4.04 -6.71 -3.29
N ILE A 10 -4.60 -6.15 -2.22
CA ILE A 10 -5.90 -5.50 -2.32
C ILE A 10 -5.70 -4.05 -2.79
N THR A 11 -4.52 -3.53 -2.51
CA THR A 11 -4.20 -2.16 -2.88
C THR A 11 -3.16 -2.15 -4.01
N GLU A 12 -2.79 -3.34 -4.45
CA GLU A 12 -1.82 -3.49 -5.51
C GLU A 12 -2.20 -2.60 -6.70
N ARG A 13 -3.49 -2.34 -6.81
CA ARG A 13 -3.99 -1.50 -7.89
C ARG A 13 -3.56 -0.05 -7.68
N ALA A 14 -3.27 0.28 -6.42
CA ALA A 14 -2.85 1.63 -6.08
C ALA A 14 -1.42 1.85 -6.59
N GLU A 15 -0.50 1.11 -5.99
CA GLU A 15 0.90 1.21 -6.36
C GLU A 15 1.05 1.13 -7.88
N ASP A 16 0.11 0.44 -8.50
CA ASP A 16 0.13 0.28 -9.94
C ASP A 16 0.06 1.65 -10.61
N SER A 17 -0.32 2.65 -9.81
CA SER A 17 -0.43 4.01 -10.31
C SER A 17 0.39 4.95 -9.43
N GLY A 18 0.27 4.75 -8.13
CA GLY A 18 1.00 5.57 -7.17
C GLY A 18 0.30 5.55 -5.80
N ASN A 19 -1.00 5.27 -5.84
CA ASN A 19 -1.78 5.23 -4.62
C ASN A 19 -2.14 6.65 -4.19
N GLU A 20 -1.12 7.48 -4.08
CA GLU A 20 -1.31 8.86 -3.68
C GLU A 20 -2.07 9.63 -4.77
N SER A 21 -3.33 9.24 -4.95
CA SER A 21 -4.18 9.87 -5.95
C SER A 21 -5.65 9.75 -5.54
N GLU A 22 -6.02 8.55 -5.12
CA GLU A 22 -7.39 8.29 -4.70
C GLU A 22 -7.40 7.56 -3.36
N GLY A 23 -6.22 7.38 -2.81
CA GLY A 23 -6.08 6.69 -1.54
C GLY A 23 -6.34 5.19 -1.69
N ASP A 24 -7.50 4.89 -2.27
CA ASP A 24 -7.89 3.50 -2.48
C ASP A 24 -8.45 2.92 -1.18
N GLN A 25 -7.60 2.93 -0.16
CA GLN A 25 -7.99 2.42 1.14
C GLN A 25 -6.81 2.45 2.11
N GLU A 26 -5.62 2.24 1.55
CA GLU A 26 -4.41 2.25 2.35
C GLU A 26 -4.15 3.64 2.90
N GLU A 27 -4.92 4.60 2.40
CA GLU A 27 -4.78 5.98 2.85
C GLU A 27 -4.52 6.04 4.35
N LEU A 28 -5.29 5.25 5.08
CA LEU A 28 -5.17 5.20 6.53
C LEU A 28 -4.76 3.79 6.95
N SER A 29 -4.75 2.89 5.97
CA SER A 29 -4.39 1.50 6.23
C SER A 29 -2.87 1.32 6.09
N ALA A 30 -2.25 2.30 5.44
CA ALA A 30 -0.82 2.26 5.23
C ALA A 30 -0.12 2.89 6.43
N LEU A 31 -0.91 3.24 7.43
CA LEU A 31 -0.38 3.86 8.64
C LEU A 31 -0.51 2.87 9.80
N VAL A 32 -1.31 1.84 9.58
CA VAL A 32 -1.52 0.83 10.59
C VAL A 32 -0.74 -0.44 10.22
N GLU A 33 -0.47 -0.56 8.93
CA GLU A 33 0.26 -1.72 8.43
C GLU A 33 1.57 -1.28 7.79
N ARG A 34 1.46 -0.39 6.82
CA ARG A 34 2.63 0.12 6.13
C ARG A 34 3.35 1.16 6.99
N GLY A 35 4.38 1.77 6.41
CA GLY A 35 5.16 2.77 7.11
C GLY A 35 6.10 3.50 6.16
N HIS A 36 6.68 2.74 5.24
CA HIS A 36 7.59 3.30 4.26
C HIS A 36 6.83 4.17 3.28
N LEU A 37 5.51 4.06 3.34
CA LEU A 37 4.64 4.83 2.46
C LEU A 37 5.24 4.84 1.04
N ALA A 38 5.72 3.67 0.64
CA ALA A 38 6.32 3.53 -0.68
C ALA A 38 5.79 2.25 -1.35
N PRO A 39 4.44 2.25 -1.58
CA PRO A 39 3.79 1.11 -2.20
C PRO A 39 4.10 1.06 -3.69
N TRP A 40 4.26 2.23 -4.27
CA TRP A 40 4.55 2.34 -5.70
C TRP A 40 6.06 2.19 -5.88
N ASP A 41 6.79 2.61 -4.86
CA ASP A 41 8.24 2.52 -4.91
C ASP A 41 8.72 1.56 -3.82
N VAL A 42 8.08 0.39 -3.78
CA VAL A 42 8.44 -0.61 -2.80
C VAL A 42 9.96 -0.67 -2.66
N ASP A 43 10.63 -0.70 -3.79
CA ASP A 43 12.08 -0.77 -3.81
C ASP A 43 12.56 -1.67 -2.68
N ASP A 44 11.75 -2.67 -2.38
CA ASP A 44 12.08 -3.62 -1.33
C ASP A 44 10.96 -4.64 -1.20
N LEU A 45 9.73 -4.14 -1.14
CA LEU A 45 8.57 -5.01 -1.01
C LEU A 45 8.19 -5.54 -2.40
N GLY A 1 4.73 -11.40 8.13
CA GLY A 1 3.58 -12.29 8.26
C GLY A 1 2.89 -12.50 6.91
N SER A 2 2.00 -11.57 6.59
CA SER A 2 1.27 -11.64 5.34
C SER A 2 0.21 -10.55 5.29
N ILE A 3 -0.63 -10.53 6.32
CA ILE A 3 -1.70 -9.55 6.40
C ILE A 3 -1.14 -8.17 6.05
N ASP A 4 0.16 -8.02 6.30
CA ASP A 4 0.82 -6.76 6.01
C ASP A 4 0.81 -6.51 4.51
N ARG A 5 1.42 -7.44 3.77
CA ARG A 5 1.49 -7.33 2.33
C ARG A 5 0.25 -7.97 1.69
N LEU A 6 -0.72 -8.25 2.53
CA LEU A 6 -1.96 -8.86 2.07
C LEU A 6 -2.83 -7.80 1.40
N ILE A 7 -2.96 -6.67 2.09
CA ILE A 7 -3.77 -5.57 1.58
C ILE A 7 -3.11 -5.03 0.31
N ASP A 8 -1.79 -5.06 0.29
CA ASP A 8 -1.04 -4.58 -0.86
C ASP A 8 -1.63 -5.20 -2.13
N ARG A 9 -2.08 -6.43 -2.01
CA ARG A 9 -2.67 -7.14 -3.14
C ARG A 9 -4.12 -6.70 -3.34
N ILE A 10 -4.72 -6.22 -2.26
CA ILE A 10 -6.11 -5.78 -2.30
C ILE A 10 -6.14 -4.32 -2.76
N THR A 11 -5.04 -3.63 -2.52
CA THR A 11 -4.94 -2.22 -2.88
C THR A 11 -3.86 -2.04 -3.95
N GLU A 12 -3.32 -3.16 -4.40
CA GLU A 12 -2.27 -3.13 -5.41
C GLU A 12 -2.64 -2.14 -6.52
N ARG A 13 -3.94 -1.94 -6.70
CA ARG A 13 -4.43 -1.02 -7.71
C ARG A 13 -3.87 0.37 -7.48
N ALA A 14 -3.46 0.63 -6.24
CA ALA A 14 -2.90 1.92 -5.88
C ALA A 14 -1.46 2.00 -6.37
N GLU A 15 -0.62 1.15 -5.79
CA GLU A 15 0.78 1.12 -6.17
C GLU A 15 0.94 0.82 -7.65
N ASP A 16 -0.14 0.34 -8.24
CA ASP A 16 -0.15 0.02 -9.66
C ASP A 16 -0.49 1.26 -10.46
N SER A 17 0.13 2.37 -10.08
CA SER A 17 -0.10 3.63 -10.75
C SER A 17 0.29 4.80 -9.84
N GLY A 18 0.23 4.53 -8.55
CA GLY A 18 0.57 5.54 -7.56
C GLY A 18 -0.51 5.65 -6.49
N ASN A 19 -0.27 4.98 -5.37
CA ASN A 19 -1.22 5.00 -4.27
C ASN A 19 -1.81 6.40 -4.13
N GLU A 20 -0.96 7.40 -4.34
CA GLU A 20 -1.39 8.78 -4.25
C GLU A 20 -2.15 9.19 -5.50
N SER A 21 -3.18 8.41 -5.82
CA SER A 21 -3.98 8.68 -6.98
C SER A 21 -5.46 8.43 -6.67
N GLU A 22 -5.71 7.33 -5.98
CA GLU A 22 -7.06 6.96 -5.61
C GLU A 22 -7.06 6.15 -4.30
N GLY A 23 -6.03 6.38 -3.50
CA GLY A 23 -5.89 5.67 -2.25
C GLY A 23 -7.26 5.45 -1.60
N ASP A 24 -7.64 6.40 -0.75
CA ASP A 24 -8.91 6.32 -0.05
C ASP A 24 -9.15 4.88 0.39
N GLN A 25 -8.14 4.31 1.02
CA GLN A 25 -8.23 2.94 1.51
C GLN A 25 -6.92 2.52 2.18
N GLU A 26 -5.82 2.99 1.60
CA GLU A 26 -4.51 2.67 2.13
C GLU A 26 -3.92 3.89 2.85
N GLU A 27 -4.50 5.05 2.56
CA GLU A 27 -4.05 6.29 3.17
C GLU A 27 -4.17 6.20 4.70
N LEU A 28 -5.01 5.29 5.14
CA LEU A 28 -5.23 5.10 6.56
C LEU A 28 -4.69 3.72 6.98
N SER A 29 -4.70 2.81 6.02
CA SER A 29 -4.22 1.46 6.27
C SER A 29 -2.69 1.43 6.20
N ALA A 30 -2.15 1.96 5.12
CA ALA A 30 -0.72 2.00 4.92
C ALA A 30 -0.07 2.71 6.11
N LEU A 31 -0.88 3.48 6.82
CA LEU A 31 -0.40 4.21 7.98
C LEU A 31 -0.36 3.28 9.19
N VAL A 32 -0.70 2.01 8.93
CA VAL A 32 -0.70 1.01 9.98
C VAL A 32 0.16 -0.18 9.56
N GLU A 33 -0.01 -0.57 8.30
CA GLU A 33 0.74 -1.69 7.76
C GLU A 33 2.03 -1.20 7.10
N ARG A 34 1.87 -0.62 5.92
CA ARG A 34 3.00 -0.11 5.17
C ARG A 34 4.00 0.57 6.12
N GLY A 35 3.65 1.79 6.51
CA GLY A 35 4.50 2.55 7.41
C GLY A 35 5.52 3.39 6.63
N HIS A 36 6.22 2.72 5.72
CA HIS A 36 7.22 3.39 4.91
C HIS A 36 6.53 4.37 3.96
N LEU A 37 5.21 4.26 3.91
CA LEU A 37 4.44 5.13 3.04
C LEU A 37 5.02 5.11 1.63
N ALA A 38 5.46 3.93 1.23
CA ALA A 38 6.04 3.75 -0.09
C ALA A 38 5.44 2.50 -0.75
N PRO A 39 4.11 2.58 -1.00
CA PRO A 39 3.41 1.47 -1.64
C PRO A 39 3.73 1.39 -3.12
N TRP A 40 3.95 2.56 -3.71
CA TRP A 40 4.26 2.64 -5.13
C TRP A 40 5.75 2.37 -5.29
N ASP A 41 6.51 2.65 -4.24
CA ASP A 41 7.94 2.44 -4.26
C ASP A 41 8.33 1.52 -3.09
N VAL A 42 7.72 0.34 -3.09
CA VAL A 42 8.00 -0.63 -2.05
C VAL A 42 9.36 -1.30 -2.32
N ASP A 43 9.58 -1.61 -3.59
CA ASP A 43 10.83 -2.24 -3.99
C ASP A 43 10.87 -3.67 -3.45
N ASP A 44 10.82 -3.77 -2.12
CA ASP A 44 10.85 -5.07 -1.47
C ASP A 44 10.49 -4.90 0.00
N LEU A 45 9.31 -5.40 0.35
CA LEU A 45 8.84 -5.31 1.72
C LEU A 45 8.08 -6.59 2.08
N GLY A 1 1.81 -12.10 10.11
CA GLY A 1 1.60 -11.32 8.89
C GLY A 1 0.54 -11.97 8.00
N SER A 2 0.72 -11.81 6.69
CA SER A 2 -0.20 -12.37 5.74
C SER A 2 -1.41 -11.43 5.56
N ILE A 3 -2.00 -11.08 6.68
CA ILE A 3 -3.16 -10.19 6.66
C ILE A 3 -2.68 -8.73 6.61
N ASP A 4 -1.44 -8.54 7.05
CA ASP A 4 -0.87 -7.20 7.05
C ASP A 4 -0.44 -6.84 5.62
N ARG A 5 -0.33 -7.86 4.79
CA ARG A 5 0.08 -7.66 3.41
C ARG A 5 -1.04 -8.11 2.47
N LEU A 6 -2.16 -8.52 3.07
CA LEU A 6 -3.30 -8.97 2.30
C LEU A 6 -3.93 -7.78 1.58
N ILE A 7 -4.01 -6.66 2.29
CA ILE A 7 -4.58 -5.45 1.73
C ILE A 7 -3.76 -5.02 0.51
N ASP A 8 -2.46 -5.25 0.60
CA ASP A 8 -1.56 -4.90 -0.48
C ASP A 8 -2.13 -5.41 -1.80
N ARG A 9 -2.79 -6.56 -1.72
CA ARG A 9 -3.38 -7.17 -2.89
C ARG A 9 -4.75 -6.55 -3.18
N ILE A 10 -5.35 -6.01 -2.13
CA ILE A 10 -6.66 -5.39 -2.26
C ILE A 10 -6.49 -3.94 -2.71
N THR A 11 -5.33 -3.39 -2.38
CA THR A 11 -5.03 -2.02 -2.74
C THR A 11 -3.95 -1.98 -3.83
N GLU A 12 -3.51 -3.16 -4.23
CA GLU A 12 -2.49 -3.28 -5.26
C GLU A 12 -2.81 -2.35 -6.43
N ARG A 13 -4.09 -2.04 -6.57
CA ARG A 13 -4.54 -1.16 -7.64
C ARG A 13 -3.87 0.21 -7.50
N ALA A 14 -3.28 0.45 -6.34
CA ALA A 14 -2.62 1.71 -6.08
C ALA A 14 -1.18 1.63 -6.60
N GLU A 15 -0.42 0.73 -6.00
CA GLU A 15 0.97 0.55 -6.39
C GLU A 15 1.06 0.18 -7.88
N ASP A 16 -0.04 -0.34 -8.39
CA ASP A 16 -0.09 -0.73 -9.79
C ASP A 16 0.27 0.46 -10.67
N SER A 17 0.16 1.64 -10.07
CA SER A 17 0.48 2.87 -10.79
C SER A 17 1.21 3.84 -9.87
N GLY A 18 0.64 4.03 -8.68
CA GLY A 18 1.23 4.92 -7.70
C GLY A 18 0.54 4.77 -6.34
N ASN A 19 -0.60 5.44 -6.21
CA ASN A 19 -1.35 5.39 -4.97
C ASN A 19 -2.20 6.66 -4.84
N GLU A 20 -1.68 7.74 -5.42
CA GLU A 20 -2.37 9.02 -5.38
C GLU A 20 -3.43 9.08 -6.49
N SER A 21 -4.45 8.24 -6.33
CA SER A 21 -5.53 8.21 -7.30
C SER A 21 -6.74 7.47 -6.71
N GLU A 22 -6.45 6.38 -6.02
CA GLU A 22 -7.49 5.58 -5.40
C GLU A 22 -7.12 5.24 -3.95
N GLY A 23 -6.11 5.95 -3.45
CA GLY A 23 -5.64 5.74 -2.09
C GLY A 23 -6.81 5.83 -1.10
N ASP A 24 -6.85 6.94 -0.38
CA ASP A 24 -7.90 7.15 0.60
C ASP A 24 -7.78 6.11 1.71
N GLN A 25 -8.27 4.92 1.40
CA GLN A 25 -8.22 3.82 2.36
C GLN A 25 -6.90 3.85 3.13
N GLU A 26 -5.87 4.34 2.46
CA GLU A 26 -4.55 4.43 3.07
C GLU A 26 -4.61 5.30 4.33
N GLU A 27 -3.49 5.97 4.60
CA GLU A 27 -3.40 6.82 5.77
C GLU A 27 -3.23 5.98 7.04
N LEU A 28 -4.15 5.05 7.22
CA LEU A 28 -4.09 4.18 8.39
C LEU A 28 -3.93 2.73 7.92
N SER A 29 -4.01 2.55 6.62
CA SER A 29 -3.87 1.23 6.04
C SER A 29 -2.49 1.08 5.40
N ALA A 30 -2.09 2.11 4.67
CA ALA A 30 -0.80 2.10 4.00
C ALA A 30 0.30 2.19 5.04
N LEU A 31 -0.10 2.41 6.28
CA LEU A 31 0.85 2.51 7.37
C LEU A 31 0.98 1.14 8.05
N VAL A 32 -0.15 0.58 8.41
CA VAL A 32 -0.16 -0.73 9.07
C VAL A 32 0.25 -1.80 8.06
N GLU A 33 -0.44 -1.79 6.92
CA GLU A 33 -0.15 -2.76 5.87
C GLU A 33 1.24 -2.51 5.27
N ARG A 34 1.36 -1.35 4.63
CA ARG A 34 2.63 -0.97 4.02
C ARG A 34 3.61 -0.50 5.08
N GLY A 35 3.51 0.79 5.40
CA GLY A 35 4.38 1.38 6.40
C GLY A 35 5.48 2.22 5.74
N HIS A 36 6.11 1.63 4.73
CA HIS A 36 7.17 2.32 4.02
C HIS A 36 6.56 3.39 3.10
N LEU A 37 5.23 3.42 3.08
CA LEU A 37 4.52 4.39 2.26
C LEU A 37 5.25 4.54 0.92
N ALA A 38 5.75 3.42 0.43
CA ALA A 38 6.46 3.41 -0.84
C ALA A 38 5.92 2.28 -1.71
N PRO A 39 4.64 2.43 -2.12
CA PRO A 39 3.98 1.44 -2.95
C PRO A 39 4.48 1.53 -4.40
N TRP A 40 4.92 2.73 -4.76
CA TRP A 40 5.42 2.96 -6.10
C TRP A 40 6.94 2.75 -6.09
N ASP A 41 7.56 3.25 -5.03
CA ASP A 41 8.99 3.12 -4.87
C ASP A 41 9.34 1.67 -4.53
N VAL A 42 8.55 1.10 -3.63
CA VAL A 42 8.75 -0.27 -3.21
C VAL A 42 10.26 -0.54 -3.07
N ASP A 43 10.98 0.51 -2.71
CA ASP A 43 12.42 0.42 -2.53
C ASP A 43 12.73 -0.03 -1.11
N ASP A 44 12.38 0.83 -0.17
CA ASP A 44 12.61 0.53 1.24
C ASP A 44 11.71 -0.62 1.67
N LEU A 45 12.04 -1.81 1.19
CA LEU A 45 11.27 -2.99 1.52
C LEU A 45 11.99 -4.23 0.98
N GLY A 1 3.86 -13.71 7.53
CA GLY A 1 2.45 -13.95 7.30
C GLY A 1 1.91 -13.05 6.19
N SER A 2 1.48 -13.68 5.12
CA SER A 2 0.94 -12.94 3.98
C SER A 2 -0.49 -12.50 4.27
N ILE A 3 -0.64 -11.79 5.38
CA ILE A 3 -1.94 -11.30 5.78
C ILE A 3 -1.88 -9.79 5.98
N ASP A 4 -0.81 -9.36 6.65
CA ASP A 4 -0.62 -7.94 6.91
C ASP A 4 -0.37 -7.21 5.60
N ARG A 5 0.22 -7.94 4.66
CA ARG A 5 0.52 -7.37 3.35
C ARG A 5 -0.55 -7.78 2.34
N LEU A 6 -1.33 -8.78 2.72
CA LEU A 6 -2.39 -9.27 1.85
C LEU A 6 -3.23 -8.09 1.35
N ILE A 7 -3.23 -7.03 2.15
CA ILE A 7 -3.98 -5.84 1.80
C ILE A 7 -3.45 -5.28 0.48
N ASP A 8 -2.16 -5.46 0.26
CA ASP A 8 -1.52 -4.99 -0.95
C ASP A 8 -2.27 -5.52 -2.17
N ARG A 9 -2.79 -6.74 -2.01
CA ARG A 9 -3.54 -7.37 -3.07
C ARG A 9 -4.99 -6.86 -3.09
N ILE A 10 -5.39 -6.30 -1.97
CA ILE A 10 -6.73 -5.77 -1.84
C ILE A 10 -6.73 -4.28 -2.22
N THR A 11 -5.57 -3.67 -2.09
CA THR A 11 -5.42 -2.26 -2.42
C THR A 11 -4.55 -2.09 -3.67
N GLU A 12 -4.02 -3.21 -4.14
CA GLU A 12 -3.18 -3.20 -5.33
C GLU A 12 -3.69 -2.16 -6.33
N ARG A 13 -5.00 -2.00 -6.37
CA ARG A 13 -5.62 -1.05 -7.28
C ARG A 13 -4.86 0.28 -7.24
N ALA A 14 -4.21 0.52 -6.11
CA ALA A 14 -3.44 1.75 -5.93
C ALA A 14 -2.12 1.63 -6.71
N GLU A 15 -1.24 0.80 -6.18
CA GLU A 15 0.06 0.60 -6.82
C GLU A 15 -0.12 0.23 -8.29
N ASP A 16 -1.32 -0.24 -8.62
CA ASP A 16 -1.63 -0.62 -9.98
C ASP A 16 -1.69 0.63 -10.86
N SER A 17 -1.89 1.77 -10.21
CA SER A 17 -1.96 3.03 -10.92
C SER A 17 -0.93 4.01 -10.35
N GLY A 18 -0.21 3.54 -9.35
CA GLY A 18 0.80 4.36 -8.70
C GLY A 18 0.40 4.72 -7.27
N ASN A 19 -0.81 4.31 -6.92
CA ASN A 19 -1.32 4.59 -5.59
C ASN A 19 -1.76 6.05 -5.50
N GLU A 20 -0.84 6.94 -5.84
CA GLU A 20 -1.11 8.36 -5.80
C GLU A 20 -2.06 8.74 -6.94
N SER A 21 -3.30 8.30 -6.80
CA SER A 21 -4.31 8.59 -7.81
C SER A 21 -5.71 8.40 -7.22
N GLU A 22 -5.84 7.31 -6.46
CA GLU A 22 -7.12 7.00 -5.83
C GLU A 22 -6.90 6.36 -4.46
N GLY A 23 -5.71 6.60 -3.92
CA GLY A 23 -5.36 6.06 -2.62
C GLY A 23 -6.50 6.22 -1.63
N ASP A 24 -6.40 7.27 -0.81
CA ASP A 24 -7.43 7.54 0.18
C ASP A 24 -7.41 6.44 1.24
N GLN A 25 -7.87 5.27 0.83
CA GLN A 25 -7.92 4.13 1.73
C GLN A 25 -6.70 4.11 2.64
N GLU A 26 -5.55 4.44 2.05
CA GLU A 26 -4.31 4.48 2.79
C GLU A 26 -4.40 5.48 3.94
N GLU A 27 -3.27 6.09 4.25
CA GLU A 27 -3.19 7.06 5.33
C GLU A 27 -3.37 6.37 6.68
N LEU A 28 -4.50 5.71 6.82
CA LEU A 28 -4.81 5.01 8.06
C LEU A 28 -4.63 3.50 7.85
N SER A 29 -4.46 3.13 6.59
CA SER A 29 -4.29 1.73 6.23
C SER A 29 -2.83 1.47 5.83
N ALA A 30 -2.18 2.53 5.36
CA ALA A 30 -0.79 2.44 4.94
C ALA A 30 0.11 2.76 6.13
N LEU A 31 -0.52 3.02 7.26
CA LEU A 31 0.21 3.34 8.47
C LEU A 31 0.10 2.18 9.46
N VAL A 32 -1.03 1.50 9.39
CA VAL A 32 -1.29 0.37 10.27
C VAL A 32 -0.67 -0.90 9.67
N GLU A 33 -0.62 -0.91 8.34
CA GLU A 33 -0.07 -2.05 7.63
C GLU A 33 1.31 -1.67 7.05
N ARG A 34 1.29 -0.68 6.17
CA ARG A 34 2.52 -0.23 5.54
C ARG A 34 3.31 0.66 6.50
N GLY A 35 4.41 1.20 5.98
CA GLY A 35 5.26 2.06 6.77
C GLY A 35 6.20 2.89 5.88
N HIS A 36 6.69 2.24 4.84
CA HIS A 36 7.59 2.89 3.91
C HIS A 36 6.83 3.97 3.13
N LEU A 37 5.51 3.86 3.16
CA LEU A 37 4.66 4.81 2.47
C LEU A 37 5.17 5.00 1.05
N ALA A 38 5.88 3.99 0.57
CA ALA A 38 6.43 4.03 -0.77
C ALA A 38 6.19 2.68 -1.46
N PRO A 39 4.88 2.34 -1.60
CA PRO A 39 4.50 1.09 -2.23
C PRO A 39 4.68 1.16 -3.75
N TRP A 40 5.17 2.31 -4.20
CA TRP A 40 5.39 2.53 -5.61
C TRP A 40 6.87 2.27 -5.91
N ASP A 41 7.69 2.53 -4.92
CA ASP A 41 9.12 2.33 -5.05
C ASP A 41 9.50 0.96 -4.47
N VAL A 42 8.74 0.56 -3.46
CA VAL A 42 8.99 -0.72 -2.81
C VAL A 42 10.49 -0.93 -2.66
N ASP A 43 11.19 0.16 -2.39
CA ASP A 43 12.63 0.10 -2.22
C ASP A 43 12.98 0.27 -0.74
N ASP A 44 12.11 -0.27 0.10
CA ASP A 44 12.31 -0.18 1.54
C ASP A 44 11.26 -1.04 2.25
N LEU A 45 11.50 -2.34 2.24
CA LEU A 45 10.60 -3.28 2.88
C LEU A 45 11.21 -4.67 2.86
N GLY A 1 5.53 -11.35 7.74
CA GLY A 1 4.12 -11.62 7.47
C GLY A 1 3.66 -10.94 6.19
N SER A 2 2.83 -11.66 5.44
CA SER A 2 2.30 -11.13 4.20
C SER A 2 0.92 -10.53 4.43
N ILE A 3 0.56 -10.43 5.70
CA ILE A 3 -0.74 -9.87 6.07
C ILE A 3 -0.71 -8.35 5.87
N ASP A 4 0.19 -7.71 6.60
CA ASP A 4 0.33 -6.27 6.53
C ASP A 4 0.60 -5.86 5.08
N ARG A 5 1.04 -6.84 4.30
CA ARG A 5 1.35 -6.61 2.90
C ARG A 5 0.21 -7.13 2.01
N LEU A 6 -0.59 -8.02 2.59
CA LEU A 6 -1.71 -8.59 1.86
C LEU A 6 -2.58 -7.47 1.30
N ILE A 7 -2.76 -6.43 2.10
CA ILE A 7 -3.56 -5.29 1.68
C ILE A 7 -2.97 -4.69 0.41
N ASP A 8 -1.64 -4.73 0.34
CA ASP A 8 -0.95 -4.20 -0.83
C ASP A 8 -1.57 -4.76 -2.10
N ARG A 9 -2.01 -6.01 -2.01
CA ARG A 9 -2.63 -6.68 -3.13
C ARG A 9 -4.10 -6.26 -3.26
N ILE A 10 -4.65 -5.82 -2.15
CA ILE A 10 -6.04 -5.39 -2.12
C ILE A 10 -6.11 -3.91 -2.51
N THR A 11 -5.01 -3.21 -2.28
CA THR A 11 -4.93 -1.80 -2.61
C THR A 11 -3.97 -1.57 -3.77
N GLU A 12 -3.40 -2.66 -4.25
CA GLU A 12 -2.47 -2.59 -5.35
C GLU A 12 -2.98 -1.63 -6.43
N ARG A 13 -4.29 -1.50 -6.47
CA ARG A 13 -4.92 -0.63 -7.45
C ARG A 13 -4.39 0.80 -7.29
N ALA A 14 -3.78 1.06 -6.15
CA ALA A 14 -3.22 2.37 -5.87
C ALA A 14 -1.85 2.49 -6.51
N GLU A 15 -0.93 1.65 -6.06
CA GLU A 15 0.42 1.65 -6.58
C GLU A 15 0.42 1.29 -8.07
N ASP A 16 -0.61 0.55 -8.46
CA ASP A 16 -0.74 0.13 -9.84
C ASP A 16 -0.36 1.29 -10.76
N SER A 17 -0.65 2.49 -10.29
CA SER A 17 -0.33 3.69 -11.05
C SER A 17 0.83 4.44 -10.41
N GLY A 18 0.58 4.97 -9.22
CA GLY A 18 1.59 5.71 -8.50
C GLY A 18 1.03 6.26 -7.19
N ASN A 19 0.16 5.48 -6.57
CA ASN A 19 -0.45 5.89 -5.32
C ASN A 19 -1.62 6.84 -5.60
N GLU A 20 -1.32 7.87 -6.37
CA GLU A 20 -2.33 8.85 -6.73
C GLU A 20 -3.38 8.22 -7.64
N SER A 21 -4.17 7.33 -7.04
CA SER A 21 -5.21 6.65 -7.79
C SER A 21 -6.29 6.14 -6.83
N GLU A 22 -5.82 5.56 -5.73
CA GLU A 22 -6.73 5.02 -4.72
C GLU A 22 -6.14 5.22 -3.32
N GLY A 23 -5.20 6.15 -3.24
CA GLY A 23 -4.56 6.45 -1.97
C GLY A 23 -5.52 7.12 -1.01
N ASP A 24 -6.61 6.41 -0.71
CA ASP A 24 -7.62 6.93 0.19
C ASP A 24 -7.87 5.92 1.31
N GLN A 25 -7.98 4.65 0.91
CA GLN A 25 -8.23 3.58 1.85
C GLN A 25 -6.97 3.32 2.68
N GLU A 26 -5.89 2.98 1.98
CA GLU A 26 -4.63 2.71 2.64
C GLU A 26 -4.16 3.93 3.42
N GLU A 27 -4.64 5.09 3.01
CA GLU A 27 -4.27 6.33 3.65
C GLU A 27 -4.40 6.20 5.17
N LEU A 28 -5.42 5.45 5.59
CA LEU A 28 -5.66 5.22 7.00
C LEU A 28 -5.45 3.74 7.32
N SER A 29 -5.38 2.95 6.27
CA SER A 29 -5.19 1.51 6.42
C SER A 29 -3.69 1.20 6.53
N ALA A 30 -2.96 1.65 5.52
CA ALA A 30 -1.52 1.42 5.48
C ALA A 30 -0.88 2.02 6.75
N LEU A 31 -1.64 2.90 7.39
CA LEU A 31 -1.16 3.54 8.60
C LEU A 31 -1.46 2.65 9.80
N VAL A 32 -1.91 1.45 9.50
CA VAL A 32 -2.23 0.49 10.54
C VAL A 32 -1.32 -0.74 10.41
N GLU A 33 -1.09 -1.13 9.17
CA GLU A 33 -0.24 -2.28 8.89
C GLU A 33 1.10 -1.81 8.31
N ARG A 34 1.02 -1.22 7.13
CA ARG A 34 2.22 -0.73 6.45
C ARG A 34 2.98 0.23 7.36
N GLY A 35 3.92 0.95 6.77
CA GLY A 35 4.72 1.90 7.50
C GLY A 35 5.73 2.59 6.59
N HIS A 36 6.23 1.83 5.62
CA HIS A 36 7.20 2.35 4.68
C HIS A 36 6.53 3.36 3.76
N LEU A 37 5.20 3.36 3.78
CA LEU A 37 4.43 4.26 2.96
C LEU A 37 5.04 4.32 1.56
N ALA A 38 5.44 3.16 1.07
CA ALA A 38 6.05 3.07 -0.25
C ALA A 38 5.39 1.92 -1.03
N PRO A 39 4.07 2.10 -1.30
CA PRO A 39 3.32 1.10 -2.04
C PRO A 39 3.67 1.13 -3.53
N TRP A 40 4.04 2.31 -4.00
CA TRP A 40 4.41 2.48 -5.39
C TRP A 40 5.91 2.20 -5.52
N ASP A 41 6.64 2.53 -4.46
CA ASP A 41 8.07 2.31 -4.45
C ASP A 41 8.37 0.85 -4.08
N VAL A 42 7.97 0.49 -2.87
CA VAL A 42 8.18 -0.86 -2.39
C VAL A 42 9.68 -1.09 -2.20
N ASP A 43 10.41 -1.00 -3.30
CA ASP A 43 11.84 -1.20 -3.28
C ASP A 43 12.17 -2.46 -2.47
N ASP A 44 11.22 -3.39 -2.51
CA ASP A 44 11.39 -4.65 -1.79
C ASP A 44 11.01 -4.45 -0.32
N LEU A 45 10.46 -5.50 0.26
CA LEU A 45 10.05 -5.45 1.65
C LEU A 45 9.76 -6.87 2.15
N GLY A 1 1.35 -14.44 9.41
CA GLY A 1 0.26 -13.49 9.46
C GLY A 1 -0.06 -12.95 8.06
N SER A 2 -0.62 -13.82 7.23
CA SER A 2 -0.98 -13.44 5.88
C SER A 2 -2.26 -12.60 5.89
N ILE A 3 -2.20 -11.49 6.60
CA ILE A 3 -3.35 -10.61 6.69
C ILE A 3 -2.91 -9.17 6.40
N ASP A 4 -1.80 -8.78 7.03
CA ASP A 4 -1.26 -7.45 6.84
C ASP A 4 -0.96 -7.23 5.36
N ARG A 5 -0.32 -8.23 4.77
CA ARG A 5 0.04 -8.16 3.35
C ARG A 5 -1.12 -8.69 2.50
N LEU A 6 -2.14 -9.19 3.16
CA LEU A 6 -3.29 -9.73 2.47
C LEU A 6 -4.05 -8.59 1.78
N ILE A 7 -4.12 -7.47 2.46
CA ILE A 7 -4.81 -6.31 1.93
C ILE A 7 -4.02 -5.76 0.73
N ASP A 8 -2.73 -6.06 0.72
CA ASP A 8 -1.86 -5.61 -0.34
C ASP A 8 -2.46 -6.04 -1.69
N ARG A 9 -3.01 -7.24 -1.70
CA ARG A 9 -3.62 -7.78 -2.91
C ARG A 9 -5.01 -7.18 -3.11
N ILE A 10 -5.57 -6.67 -2.02
CA ILE A 10 -6.89 -6.06 -2.06
C ILE A 10 -6.76 -4.59 -2.42
N THR A 11 -5.59 -4.04 -2.10
CA THR A 11 -5.32 -2.64 -2.38
C THR A 11 -4.26 -2.51 -3.47
N GLU A 12 -3.79 -3.65 -3.94
CA GLU A 12 -2.77 -3.67 -4.97
C GLU A 12 -3.08 -2.64 -6.05
N ARG A 13 -4.36 -2.34 -6.18
CA ARG A 13 -4.80 -1.37 -7.17
C ARG A 13 -4.10 -0.03 -6.96
N ALA A 14 -3.54 0.12 -5.76
CA ALA A 14 -2.83 1.34 -5.42
C ALA A 14 -1.43 1.30 -6.02
N GLU A 15 -0.65 0.32 -5.57
CA GLU A 15 0.71 0.16 -6.04
C GLU A 15 0.71 -0.18 -7.54
N ASP A 16 -0.46 -0.56 -8.03
CA ASP A 16 -0.61 -0.90 -9.44
C ASP A 16 -0.54 0.37 -10.28
N SER A 17 -0.72 1.50 -9.61
CA SER A 17 -0.68 2.79 -10.28
C SER A 17 0.32 3.71 -9.59
N GLY A 18 0.31 3.68 -8.27
CA GLY A 18 1.21 4.50 -7.49
C GLY A 18 0.69 4.69 -6.06
N ASN A 19 -0.62 4.57 -5.93
CA ASN A 19 -1.26 4.73 -4.64
C ASN A 19 -1.54 6.21 -4.39
N GLU A 20 -0.52 7.02 -4.63
CA GLU A 20 -0.64 8.45 -4.44
C GLU A 20 -1.43 9.09 -5.60
N SER A 21 -2.62 8.54 -5.82
CA SER A 21 -3.48 9.04 -6.88
C SER A 21 -4.92 9.11 -6.40
N GLU A 22 -5.33 8.06 -5.71
CA GLU A 22 -6.69 7.97 -5.19
C GLU A 22 -6.71 8.43 -3.72
N GLY A 23 -5.60 8.19 -3.05
CA GLY A 23 -5.49 8.57 -1.65
C GLY A 23 -6.84 8.48 -0.94
N ASP A 24 -7.30 7.24 -0.77
CA ASP A 24 -8.58 7.00 -0.11
C ASP A 24 -8.40 5.88 0.92
N GLN A 25 -8.56 4.65 0.44
CA GLN A 25 -8.42 3.48 1.31
C GLN A 25 -7.11 3.56 2.09
N GLU A 26 -6.04 3.90 1.37
CA GLU A 26 -4.73 4.00 1.99
C GLU A 26 -4.74 5.05 3.09
N GLU A 27 -3.60 5.69 3.26
CA GLU A 27 -3.45 6.73 4.28
C GLU A 27 -3.50 6.10 5.68
N LEU A 28 -4.62 5.42 5.95
CA LEU A 28 -4.79 4.78 7.24
C LEU A 28 -4.55 3.28 7.09
N SER A 29 -4.52 2.84 5.84
CA SER A 29 -4.29 1.43 5.55
C SER A 29 -2.86 1.22 5.06
N ALA A 30 -2.26 2.30 4.59
CA ALA A 30 -0.90 2.25 4.09
C ALA A 30 0.08 2.30 5.27
N LEU A 31 -0.46 2.66 6.43
CA LEU A 31 0.35 2.74 7.63
C LEU A 31 0.26 1.41 8.39
N VAL A 32 -0.89 0.77 8.27
CA VAL A 32 -1.11 -0.50 8.93
C VAL A 32 -0.31 -1.59 8.21
N GLU A 33 -0.69 -1.83 6.97
CA GLU A 33 -0.02 -2.84 6.17
C GLU A 33 1.45 -2.47 5.97
N ARG A 34 1.67 -1.21 5.62
CA ARG A 34 3.02 -0.72 5.40
C ARG A 34 3.31 0.47 6.32
N GLY A 35 4.58 0.85 6.36
CA GLY A 35 5.00 1.96 7.20
C GLY A 35 5.89 2.92 6.40
N HIS A 36 6.75 2.35 5.57
CA HIS A 36 7.65 3.14 4.76
C HIS A 36 6.84 4.04 3.82
N LEU A 37 5.68 3.54 3.44
CA LEU A 37 4.81 4.28 2.55
C LEU A 37 5.46 4.39 1.17
N ALA A 38 6.06 3.29 0.75
CA ALA A 38 6.74 3.24 -0.54
C ALA A 38 6.33 1.96 -1.27
N PRO A 39 5.01 1.86 -1.58
CA PRO A 39 4.50 0.69 -2.27
C PRO A 39 4.86 0.73 -3.76
N TRP A 40 4.94 1.94 -4.29
CA TRP A 40 5.29 2.13 -5.69
C TRP A 40 6.81 2.08 -5.81
N ASP A 41 7.47 2.55 -4.75
CA ASP A 41 8.92 2.57 -4.72
C ASP A 41 9.42 1.70 -3.57
N VAL A 42 9.04 0.43 -3.62
CA VAL A 42 9.44 -0.51 -2.58
C VAL A 42 10.92 -0.83 -2.76
N ASP A 43 11.40 -0.71 -3.98
CA ASP A 43 12.79 -0.99 -4.28
C ASP A 43 13.67 -0.46 -3.15
N ASP A 44 13.71 0.86 -3.04
CA ASP A 44 14.51 1.49 -2.00
C ASP A 44 13.61 2.39 -1.15
N LEU A 45 12.51 1.80 -0.71
CA LEU A 45 11.56 2.53 0.12
C LEU A 45 11.43 3.96 -0.41
N GLY A 1 0.87 -12.73 9.28
CA GLY A 1 0.41 -13.71 8.31
C GLY A 1 0.09 -13.06 6.96
N SER A 2 -0.45 -13.85 6.07
CA SER A 2 -0.80 -13.37 4.74
C SER A 2 -2.03 -12.46 4.82
N ILE A 3 -2.85 -12.73 5.82
CA ILE A 3 -4.06 -11.95 6.03
C ILE A 3 -3.68 -10.50 6.31
N ASP A 4 -2.50 -10.33 6.88
CA ASP A 4 -2.01 -9.00 7.20
C ASP A 4 -1.64 -8.27 5.92
N ARG A 5 -0.78 -8.92 5.14
CA ARG A 5 -0.33 -8.35 3.88
C ARG A 5 -1.31 -8.69 2.76
N LEU A 6 -2.47 -9.18 3.17
CA LEU A 6 -3.50 -9.55 2.21
C LEU A 6 -4.11 -8.28 1.61
N ILE A 7 -4.13 -7.23 2.42
CA ILE A 7 -4.67 -5.95 1.98
C ILE A 7 -3.92 -5.48 0.74
N ASP A 8 -2.64 -5.82 0.70
CA ASP A 8 -1.80 -5.43 -0.43
C ASP A 8 -2.45 -5.88 -1.73
N ARG A 9 -3.11 -7.03 -1.66
CA ARG A 9 -3.78 -7.59 -2.82
C ARG A 9 -5.13 -6.91 -3.02
N ILE A 10 -5.63 -6.30 -1.95
CA ILE A 10 -6.90 -5.61 -1.99
C ILE A 10 -6.68 -4.15 -2.37
N THR A 11 -5.47 -3.68 -2.10
CA THR A 11 -5.12 -2.30 -2.40
C THR A 11 -4.06 -2.26 -3.52
N GLU A 12 -3.66 -3.45 -3.95
CA GLU A 12 -2.66 -3.55 -5.00
C GLU A 12 -2.88 -2.47 -6.06
N ARG A 13 -4.14 -2.32 -6.46
CA ARG A 13 -4.49 -1.33 -7.46
C ARG A 13 -3.70 -0.04 -7.23
N ALA A 14 -3.37 0.20 -5.97
CA ALA A 14 -2.63 1.39 -5.60
C ALA A 14 -1.22 1.31 -6.21
N GLU A 15 -0.44 0.36 -5.70
CA GLU A 15 0.91 0.16 -6.17
C GLU A 15 0.90 -0.43 -7.59
N ASP A 16 -0.30 -0.77 -8.05
CA ASP A 16 -0.46 -1.34 -9.37
C ASP A 16 -0.97 -0.26 -10.33
N SER A 17 -0.55 0.96 -10.07
CA SER A 17 -0.95 2.08 -10.90
C SER A 17 -0.34 3.38 -10.36
N GLY A 18 -0.58 3.62 -9.09
CA GLY A 18 -0.05 4.82 -8.44
C GLY A 18 -0.84 5.13 -7.17
N ASN A 19 -0.41 4.53 -6.08
CA ASN A 19 -1.05 4.75 -4.79
C ASN A 19 -1.35 6.23 -4.61
N GLU A 20 -0.54 7.05 -5.27
CA GLU A 20 -0.70 8.49 -5.19
C GLU A 20 -1.71 8.97 -6.23
N SER A 21 -2.78 8.20 -6.37
CA SER A 21 -3.82 8.53 -7.33
C SER A 21 -5.19 8.46 -6.65
N GLU A 22 -5.38 7.42 -5.85
CA GLU A 22 -6.62 7.24 -5.14
C GLU A 22 -6.38 6.57 -3.78
N GLY A 23 -5.18 6.81 -3.26
CA GLY A 23 -4.81 6.24 -1.97
C GLY A 23 -5.63 6.85 -0.83
N ASP A 24 -6.94 6.66 -0.93
CA ASP A 24 -7.85 7.19 0.08
C ASP A 24 -7.88 6.23 1.27
N GLN A 25 -7.70 4.95 0.97
CA GLN A 25 -7.72 3.92 2.00
C GLN A 25 -6.36 3.86 2.71
N GLU A 26 -5.31 3.85 1.91
CA GLU A 26 -3.96 3.80 2.44
C GLU A 26 -3.74 4.92 3.45
N GLU A 27 -4.61 5.92 3.37
CA GLU A 27 -4.52 7.06 4.27
C GLU A 27 -4.07 6.61 5.65
N LEU A 28 -4.66 5.52 6.11
CA LEU A 28 -4.32 4.98 7.43
C LEU A 28 -4.03 3.49 7.29
N SER A 29 -4.04 3.03 6.05
CA SER A 29 -3.78 1.62 5.77
C SER A 29 -2.32 1.43 5.36
N ALA A 30 -1.68 2.55 5.05
CA ALA A 30 -0.28 2.52 4.65
C ALA A 30 0.61 2.59 5.89
N LEU A 31 -0.02 2.90 7.02
CA LEU A 31 0.69 3.00 8.28
C LEU A 31 0.45 1.74 9.09
N VAL A 32 -0.78 1.26 9.03
CA VAL A 32 -1.16 0.06 9.77
C VAL A 32 -0.22 -1.08 9.37
N GLU A 33 -0.12 -1.30 8.07
CA GLU A 33 0.74 -2.36 7.56
C GLU A 33 2.09 -1.77 7.12
N ARG A 34 2.09 -1.21 5.93
CA ARG A 34 3.30 -0.61 5.39
C ARG A 34 3.90 0.38 6.38
N GLY A 35 4.91 1.10 5.91
CA GLY A 35 5.58 2.08 6.75
C GLY A 35 6.46 3.01 5.91
N HIS A 36 7.12 2.41 4.93
CA HIS A 36 8.00 3.17 4.05
C HIS A 36 7.16 4.14 3.21
N LEU A 37 5.88 3.85 3.12
CA LEU A 37 4.97 4.69 2.35
C LEU A 37 5.52 4.88 0.94
N ALA A 38 6.01 3.77 0.38
CA ALA A 38 6.56 3.81 -0.96
C ALA A 38 6.02 2.62 -1.76
N PRO A 39 4.68 2.62 -1.95
CA PRO A 39 4.02 1.55 -2.69
C PRO A 39 4.27 1.69 -4.19
N TRP A 40 4.54 2.93 -4.60
CA TRP A 40 4.79 3.22 -6.00
C TRP A 40 6.30 3.17 -6.22
N ASP A 41 7.02 3.79 -5.31
CA ASP A 41 8.48 3.83 -5.40
C ASP A 41 9.03 2.44 -5.05
N VAL A 42 8.44 1.84 -4.04
CA VAL A 42 8.86 0.52 -3.60
C VAL A 42 10.39 0.43 -3.67
N ASP A 43 11.03 1.44 -3.10
CA ASP A 43 12.49 1.49 -3.10
C ASP A 43 13.00 1.00 -1.74
N ASP A 44 12.67 1.77 -0.71
CA ASP A 44 13.10 1.44 0.64
C ASP A 44 12.23 0.29 1.16
N LEU A 45 12.41 -0.88 0.56
CA LEU A 45 11.65 -2.05 0.96
C LEU A 45 12.46 -3.31 0.62
N GLY A 1 -2.02 -15.72 10.06
CA GLY A 1 -1.04 -14.85 9.43
C GLY A 1 -1.43 -14.55 7.98
N SER A 2 -0.58 -13.78 7.32
CA SER A 2 -0.83 -13.41 5.93
C SER A 2 -2.26 -12.89 5.77
N ILE A 3 -2.62 -11.96 6.63
CA ILE A 3 -3.95 -11.39 6.59
C ILE A 3 -3.85 -9.87 6.79
N ASP A 4 -3.08 -9.48 7.79
CA ASP A 4 -2.89 -8.07 8.08
C ASP A 4 -2.21 -7.39 6.90
N ARG A 5 -1.68 -8.22 6.01
CA ARG A 5 -1.00 -7.71 4.83
C ARG A 5 -1.76 -8.11 3.56
N LEU A 6 -2.69 -9.03 3.72
CA LEU A 6 -3.49 -9.51 2.62
C LEU A 6 -4.09 -8.30 1.88
N ILE A 7 -4.27 -7.22 2.63
CA ILE A 7 -4.83 -6.01 2.06
C ILE A 7 -3.93 -5.51 0.93
N ASP A 8 -2.64 -5.79 1.08
CA ASP A 8 -1.67 -5.38 0.09
C ASP A 8 -2.08 -5.93 -1.28
N ARG A 9 -2.71 -7.09 -1.25
CA ARG A 9 -3.15 -7.74 -2.47
C ARG A 9 -4.51 -7.17 -2.89
N ILE A 10 -5.16 -6.49 -1.96
CA ILE A 10 -6.46 -5.91 -2.22
C ILE A 10 -6.29 -4.44 -2.59
N THR A 11 -5.17 -3.87 -2.15
CA THR A 11 -4.88 -2.48 -2.42
C THR A 11 -3.76 -2.37 -3.46
N GLU A 12 -3.16 -3.51 -3.77
CA GLU A 12 -2.08 -3.55 -4.73
C GLU A 12 -2.36 -2.58 -5.88
N ARG A 13 -3.59 -2.59 -6.34
CA ARG A 13 -4.01 -1.73 -7.43
C ARG A 13 -3.38 -0.34 -7.27
N ALA A 14 -3.13 0.02 -6.02
CA ALA A 14 -2.54 1.30 -5.71
C ALA A 14 -1.12 1.37 -6.29
N GLU A 15 -0.24 0.56 -5.71
CA GLU A 15 1.14 0.51 -6.17
C GLU A 15 1.22 -0.15 -7.54
N ASP A 16 0.16 -0.86 -7.89
CA ASP A 16 0.10 -1.54 -9.18
C ASP A 16 -0.47 -0.58 -10.22
N SER A 17 0.01 0.64 -10.19
CA SER A 17 -0.45 1.66 -11.13
C SER A 17 -0.05 3.05 -10.63
N GLY A 18 -0.62 3.41 -9.49
CA GLY A 18 -0.34 4.71 -8.90
C GLY A 18 -1.23 4.96 -7.67
N ASN A 19 -0.76 4.47 -6.53
CA ASN A 19 -1.50 4.63 -5.28
C ASN A 19 -1.59 6.12 -4.94
N GLU A 20 -0.80 6.91 -5.66
CA GLU A 20 -0.78 8.34 -5.43
C GLU A 20 -1.84 9.03 -6.31
N SER A 21 -2.80 8.23 -6.75
CA SER A 21 -3.88 8.74 -7.58
C SER A 21 -5.20 8.66 -6.84
N GLU A 22 -5.21 7.84 -5.80
CA GLU A 22 -6.41 7.66 -4.99
C GLU A 22 -6.24 8.33 -3.63
N GLY A 23 -5.08 8.10 -3.02
CA GLY A 23 -4.78 8.67 -1.73
C GLY A 23 -6.02 8.70 -0.84
N ASP A 24 -6.58 7.52 -0.61
CA ASP A 24 -7.76 7.41 0.22
C ASP A 24 -7.65 6.17 1.11
N GLN A 25 -7.94 5.02 0.51
CA GLN A 25 -7.86 3.76 1.23
C GLN A 25 -6.59 3.71 2.07
N GLU A 26 -5.48 4.07 1.45
CA GLU A 26 -4.20 4.07 2.13
C GLU A 26 -4.23 5.02 3.33
N GLU A 27 -3.08 5.60 3.61
CA GLU A 27 -2.96 6.54 4.72
C GLU A 27 -3.09 5.79 6.05
N LEU A 28 -4.22 5.12 6.21
CA LEU A 28 -4.48 4.37 7.43
C LEU A 28 -4.29 2.88 7.15
N SER A 29 -4.20 2.57 5.87
CA SER A 29 -4.01 1.18 5.45
C SER A 29 -2.57 0.96 4.99
N ALA A 30 -1.92 2.06 4.64
CA ALA A 30 -0.54 2.01 4.18
C ALA A 30 0.39 1.93 5.39
N LEU A 31 -0.18 2.18 6.55
CA LEU A 31 0.58 2.15 7.78
C LEU A 31 0.38 0.80 8.48
N VAL A 32 -0.87 0.56 8.86
CA VAL A 32 -1.22 -0.69 9.53
C VAL A 32 -0.55 -1.85 8.79
N GLU A 33 -0.54 -1.75 7.47
CA GLU A 33 0.06 -2.79 6.65
C GLU A 33 1.54 -2.49 6.41
N ARG A 34 1.78 -1.61 5.45
CA ARG A 34 3.15 -1.23 5.12
C ARG A 34 3.68 -0.21 6.13
N GLY A 35 5.00 -0.11 6.18
CA GLY A 35 5.64 0.81 7.10
C GLY A 35 6.50 1.82 6.33
N HIS A 36 7.08 1.36 5.24
CA HIS A 36 7.92 2.21 4.41
C HIS A 36 7.07 3.29 3.74
N LEU A 37 5.77 3.02 3.70
CA LEU A 37 4.84 3.96 3.09
C LEU A 37 5.41 4.43 1.75
N ALA A 38 5.90 3.47 0.98
CA ALA A 38 6.46 3.78 -0.32
C ALA A 38 5.93 2.78 -1.35
N PRO A 39 4.59 2.82 -1.54
CA PRO A 39 3.95 1.92 -2.49
C PRO A 39 4.21 2.37 -3.94
N TRP A 40 4.35 3.68 -4.10
CA TRP A 40 4.60 4.25 -5.41
C TRP A 40 6.10 4.13 -5.69
N ASP A 41 6.89 4.33 -4.65
CA ASP A 41 8.34 4.25 -4.78
C ASP A 41 8.87 3.12 -3.88
N VAL A 42 8.53 1.90 -4.26
CA VAL A 42 8.96 0.74 -3.51
C VAL A 42 10.45 0.50 -3.74
N ASP A 43 10.93 1.00 -4.87
CA ASP A 43 12.33 0.85 -5.22
C ASP A 43 13.19 1.05 -3.97
N ASP A 44 13.28 2.32 -3.56
CA ASP A 44 14.06 2.66 -2.38
C ASP A 44 13.18 2.53 -1.14
N LEU A 45 13.14 1.31 -0.62
CA LEU A 45 12.35 1.04 0.57
C LEU A 45 12.84 -0.26 1.21
N GLY A 1 0.45 -13.60 9.66
CA GLY A 1 -0.40 -12.43 9.46
C GLY A 1 -0.60 -12.16 7.97
N SER A 2 -1.46 -12.96 7.36
CA SER A 2 -1.75 -12.81 5.94
C SER A 2 -2.67 -11.61 5.73
N ILE A 3 -3.62 -11.46 6.64
CA ILE A 3 -4.57 -10.36 6.55
C ILE A 3 -3.80 -9.06 6.27
N ASP A 4 -2.54 -9.04 6.69
CA ASP A 4 -1.70 -7.88 6.49
C ASP A 4 -1.54 -7.61 4.99
N ARG A 5 -0.90 -8.55 4.33
CA ARG A 5 -0.68 -8.43 2.90
C ARG A 5 -1.96 -8.76 2.13
N LEU A 6 -2.99 -9.11 2.88
CA LEU A 6 -4.28 -9.45 2.30
C LEU A 6 -4.91 -8.19 1.71
N ILE A 7 -4.78 -7.10 2.44
CA ILE A 7 -5.34 -5.83 2.02
C ILE A 7 -4.57 -5.33 0.78
N ASP A 8 -3.30 -5.68 0.74
CA ASP A 8 -2.45 -5.29 -0.38
C ASP A 8 -3.15 -5.61 -1.69
N ARG A 9 -3.87 -6.74 -1.68
CA ARG A 9 -4.58 -7.17 -2.86
C ARG A 9 -5.89 -6.41 -3.00
N ILE A 10 -6.38 -5.92 -1.86
CA ILE A 10 -7.62 -5.17 -1.85
C ILE A 10 -7.33 -3.70 -2.15
N THR A 11 -6.11 -3.30 -1.87
CA THR A 11 -5.68 -1.93 -2.12
C THR A 11 -4.70 -1.88 -3.28
N GLU A 12 -4.36 -3.05 -3.79
CA GLU A 12 -3.43 -3.15 -4.90
C GLU A 12 -3.73 -2.07 -5.94
N ARG A 13 -5.01 -1.73 -6.03
CA ARG A 13 -5.45 -0.73 -6.98
C ARG A 13 -4.62 0.55 -6.82
N ALA A 14 -4.01 0.69 -5.66
CA ALA A 14 -3.18 1.85 -5.37
C ALA A 14 -1.87 1.74 -6.14
N GLU A 15 -1.13 0.68 -5.85
CA GLU A 15 0.14 0.44 -6.50
C GLU A 15 -0.08 0.07 -7.97
N ASP A 16 -1.23 -0.53 -8.22
CA ASP A 16 -1.58 -0.94 -9.58
C ASP A 16 -1.21 0.17 -10.56
N SER A 17 -1.25 1.40 -10.05
CA SER A 17 -0.94 2.56 -10.87
C SER A 17 0.35 3.21 -10.37
N GLY A 18 0.26 3.77 -9.17
CA GLY A 18 1.41 4.43 -8.57
C GLY A 18 1.01 5.12 -7.26
N ASN A 19 0.14 4.47 -6.52
CA ASN A 19 -0.33 5.00 -5.25
C ASN A 19 -1.17 6.26 -5.51
N GLU A 20 -0.54 7.23 -6.17
CA GLU A 20 -1.21 8.47 -6.48
C GLU A 20 -2.39 8.21 -7.43
N SER A 21 -3.43 7.63 -6.87
CA SER A 21 -4.63 7.32 -7.65
C SER A 21 -5.81 7.07 -6.72
N GLU A 22 -5.53 6.34 -5.65
CA GLU A 22 -6.56 6.02 -4.66
C GLU A 22 -5.96 5.90 -3.27
N GLY A 23 -4.82 6.57 -3.10
CA GLY A 23 -4.13 6.55 -1.83
C GLY A 23 -4.93 7.30 -0.75
N ASP A 24 -6.13 6.80 -0.51
CA ASP A 24 -7.00 7.40 0.49
C ASP A 24 -7.20 6.43 1.65
N GLN A 25 -7.27 5.15 1.30
CA GLN A 25 -7.46 4.11 2.30
C GLN A 25 -6.11 3.73 2.94
N GLU A 26 -5.16 3.42 2.08
CA GLU A 26 -3.83 3.05 2.55
C GLU A 26 -3.33 4.06 3.58
N GLU A 27 -3.88 5.26 3.50
CA GLU A 27 -3.50 6.33 4.41
C GLU A 27 -3.23 5.76 5.80
N LEU A 28 -4.15 4.93 6.26
CA LEU A 28 -4.03 4.32 7.58
C LEU A 28 -4.08 2.80 7.43
N SER A 29 -4.24 2.36 6.18
CA SER A 29 -4.32 0.94 5.91
C SER A 29 -2.93 0.41 5.54
N ALA A 30 -2.15 1.26 4.91
CA ALA A 30 -0.81 0.89 4.50
C ALA A 30 0.14 1.02 5.70
N LEU A 31 -0.43 1.50 6.81
CA LEU A 31 0.36 1.68 8.02
C LEU A 31 0.21 0.44 8.91
N VAL A 32 -0.85 -0.31 8.65
CA VAL A 32 -1.11 -1.53 9.41
C VAL A 32 -0.14 -2.62 8.97
N GLU A 33 0.10 -2.66 7.67
CA GLU A 33 1.00 -3.66 7.10
C GLU A 33 2.35 -3.01 6.78
N ARG A 34 2.31 -2.07 5.85
CA ARG A 34 3.53 -1.39 5.44
C ARG A 34 3.82 -0.22 6.40
N GLY A 35 4.60 0.72 5.91
CA GLY A 35 4.98 1.88 6.70
C GLY A 35 5.79 2.88 5.87
N HIS A 36 6.63 2.33 5.01
CA HIS A 36 7.47 3.16 4.16
C HIS A 36 6.60 3.87 3.12
N LEU A 37 5.36 3.43 3.02
CA LEU A 37 4.43 4.00 2.07
C LEU A 37 5.15 4.28 0.75
N ALA A 38 6.00 3.34 0.36
CA ALA A 38 6.75 3.47 -0.86
C ALA A 38 6.65 2.17 -1.66
N PRO A 39 5.41 1.86 -2.11
CA PRO A 39 5.17 0.65 -2.88
C PRO A 39 5.68 0.80 -4.31
N TRP A 40 5.57 2.02 -4.82
CA TRP A 40 6.02 2.30 -6.17
C TRP A 40 7.53 2.56 -6.12
N ASP A 41 7.95 3.24 -5.06
CA ASP A 41 9.34 3.56 -4.88
C ASP A 41 9.91 2.73 -3.72
N VAL A 42 9.79 1.41 -3.87
CA VAL A 42 10.29 0.52 -2.84
C VAL A 42 11.81 0.61 -2.77
N ASP A 43 12.38 1.28 -3.76
CA ASP A 43 13.82 1.46 -3.82
C ASP A 43 14.28 2.24 -2.59
N ASP A 44 13.48 3.22 -2.22
CA ASP A 44 13.79 4.05 -1.07
C ASP A 44 13.23 3.40 0.19
N LEU A 45 13.84 2.29 0.57
CA LEU A 45 13.42 1.57 1.76
C LEU A 45 14.49 1.67 2.83
N GLY A 1 2.14 -11.27 10.39
CA GLY A 1 2.86 -10.77 9.23
C GLY A 1 2.24 -11.27 7.93
N SER A 2 2.68 -10.68 6.83
CA SER A 2 2.17 -11.06 5.52
C SER A 2 0.93 -10.24 5.18
N ILE A 3 0.11 -10.03 6.20
CA ILE A 3 -1.12 -9.26 6.02
C ILE A 3 -0.80 -7.94 5.30
N ASP A 4 0.36 -7.40 5.63
CA ASP A 4 0.80 -6.15 5.03
C ASP A 4 0.79 -6.30 3.51
N ARG A 5 0.84 -7.54 3.06
CA ARG A 5 0.84 -7.84 1.65
C ARG A 5 -0.56 -8.23 1.18
N LEU A 6 -1.27 -8.90 2.07
CA LEU A 6 -2.63 -9.35 1.78
C LEU A 6 -3.41 -8.19 1.14
N ILE A 7 -3.57 -7.13 1.92
CA ILE A 7 -4.30 -5.96 1.44
C ILE A 7 -3.54 -5.35 0.25
N ASP A 8 -2.23 -5.31 0.39
CA ASP A 8 -1.38 -4.76 -0.66
C ASP A 8 -1.79 -5.35 -2.01
N ARG A 9 -2.30 -6.57 -1.95
CA ARG A 9 -2.72 -7.26 -3.16
C ARG A 9 -4.13 -6.80 -3.56
N ILE A 10 -4.92 -6.45 -2.55
CA ILE A 10 -6.27 -5.99 -2.78
C ILE A 10 -6.24 -4.50 -3.16
N THR A 11 -5.22 -3.83 -2.67
CA THR A 11 -5.07 -2.40 -2.96
C THR A 11 -3.97 -2.19 -3.99
N GLU A 12 -3.32 -3.29 -4.36
CA GLU A 12 -2.25 -3.23 -5.34
C GLU A 12 -2.59 -2.22 -6.44
N ARG A 13 -3.88 -2.17 -6.78
CA ARG A 13 -4.35 -1.27 -7.81
C ARG A 13 -3.76 0.13 -7.60
N ALA A 14 -3.41 0.41 -6.36
CA ALA A 14 -2.84 1.70 -6.01
C ALA A 14 -1.38 1.75 -6.47
N GLU A 15 -0.55 0.97 -5.80
CA GLU A 15 0.86 0.92 -6.12
C GLU A 15 1.06 0.45 -7.57
N ASP A 16 -0.01 -0.09 -8.14
CA ASP A 16 0.02 -0.56 -9.51
C ASP A 16 0.17 0.62 -10.46
N SER A 17 0.05 1.81 -9.89
CA SER A 17 0.16 3.03 -10.67
C SER A 17 0.70 4.17 -9.79
N GLY A 18 0.13 4.27 -8.61
CA GLY A 18 0.54 5.30 -7.66
C GLY A 18 -0.49 5.47 -6.55
N ASN A 19 -0.29 4.72 -5.49
CA ASN A 19 -1.19 4.77 -4.35
C ASN A 19 -1.63 6.22 -4.12
N GLU A 20 -0.73 7.14 -4.45
CA GLU A 20 -1.00 8.55 -4.28
C GLU A 20 -1.78 9.08 -5.49
N SER A 21 -2.81 8.34 -5.87
CA SER A 21 -3.64 8.73 -6.99
C SER A 21 -5.12 8.60 -6.63
N GLU A 22 -5.44 7.50 -5.95
CA GLU A 22 -6.80 7.24 -5.54
C GLU A 22 -6.82 6.43 -4.24
N GLY A 23 -5.81 6.67 -3.42
CA GLY A 23 -5.71 5.97 -2.15
C GLY A 23 -7.09 5.70 -1.55
N ASP A 24 -7.54 6.64 -0.74
CA ASP A 24 -8.84 6.52 -0.10
C ASP A 24 -8.88 5.22 0.71
N GLN A 25 -7.78 4.95 1.40
CA GLN A 25 -7.67 3.75 2.21
C GLN A 25 -6.32 3.72 2.93
N GLU A 26 -5.27 3.96 2.16
CA GLU A 26 -3.92 3.96 2.71
C GLU A 26 -3.85 4.85 3.94
N GLU A 27 -4.78 5.80 4.01
CA GLU A 27 -4.83 6.72 5.13
C GLU A 27 -4.80 5.94 6.45
N LEU A 28 -5.44 4.79 6.45
CA LEU A 28 -5.50 3.95 7.63
C LEU A 28 -5.04 2.53 7.27
N SER A 29 -4.65 2.38 6.01
CA SER A 29 -4.19 1.09 5.53
C SER A 29 -2.66 1.08 5.41
N ALA A 30 -2.13 2.20 4.91
CA ALA A 30 -0.70 2.33 4.74
C ALA A 30 -0.06 2.68 6.09
N LEU A 31 -0.91 2.76 7.10
CA LEU A 31 -0.45 3.07 8.44
C LEU A 31 -0.62 1.85 9.34
N VAL A 32 -1.83 1.32 9.34
CA VAL A 32 -2.13 0.15 10.14
C VAL A 32 -1.33 -1.05 9.63
N GLU A 33 -0.90 -0.94 8.38
CA GLU A 33 -0.13 -2.00 7.75
C GLU A 33 1.27 -1.50 7.39
N ARG A 34 1.31 -0.66 6.36
CA ARG A 34 2.57 -0.10 5.90
C ARG A 34 3.09 0.93 6.90
N GLY A 35 4.12 1.65 6.49
CA GLY A 35 4.71 2.66 7.34
C GLY A 35 5.69 3.54 6.55
N HIS A 36 6.44 2.89 5.66
CA HIS A 36 7.41 3.60 4.84
C HIS A 36 6.68 4.56 3.90
N LEU A 37 5.42 4.24 3.66
CA LEU A 37 4.61 5.06 2.77
C LEU A 37 5.18 5.03 1.36
N ALA A 38 5.63 3.84 0.97
CA ALA A 38 6.21 3.66 -0.35
C ALA A 38 5.65 2.37 -0.97
N PRO A 39 4.31 2.39 -1.20
CA PRO A 39 3.64 1.23 -1.78
C PRO A 39 3.93 1.14 -3.28
N TRP A 40 3.91 2.30 -3.92
CA TRP A 40 4.15 2.36 -5.35
C TRP A 40 5.66 2.18 -5.58
N ASP A 41 6.43 2.67 -4.63
CA ASP A 41 7.88 2.56 -4.71
C ASP A 41 8.38 1.64 -3.59
N VAL A 42 7.73 0.50 -3.48
CA VAL A 42 8.09 -0.47 -2.46
C VAL A 42 9.51 -0.96 -2.72
N ASP A 43 9.81 -1.16 -4.00
CA ASP A 43 11.13 -1.64 -4.40
C ASP A 43 11.61 -2.69 -3.40
N ASP A 44 10.81 -3.73 -3.26
CA ASP A 44 11.14 -4.82 -2.36
C ASP A 44 11.38 -4.25 -0.96
N LEU A 45 10.36 -4.37 -0.12
CA LEU A 45 10.45 -3.88 1.24
C LEU A 45 9.80 -4.89 2.19
N GLY A 1 3.37 -13.61 7.92
CA GLY A 1 3.47 -12.18 7.67
C GLY A 1 2.94 -11.83 6.27
N SER A 2 1.75 -12.32 5.98
CA SER A 2 1.13 -12.06 4.69
C SER A 2 0.01 -11.04 4.85
N ILE A 3 -0.47 -10.91 6.08
CA ILE A 3 -1.54 -9.97 6.37
C ILE A 3 -1.15 -8.58 5.84
N ASP A 4 0.01 -8.12 6.28
CA ASP A 4 0.51 -6.82 5.86
C ASP A 4 0.59 -6.77 4.34
N ARG A 5 0.58 -7.96 3.74
CA ARG A 5 0.64 -8.07 2.29
C ARG A 5 -0.76 -8.32 1.71
N LEU A 6 -1.66 -8.74 2.59
CA LEU A 6 -3.02 -9.01 2.18
C LEU A 6 -3.64 -7.76 1.58
N ILE A 7 -3.59 -6.68 2.36
CA ILE A 7 -4.14 -5.41 1.93
C ILE A 7 -3.49 -5.01 0.60
N ASP A 8 -2.17 -5.19 0.54
CA ASP A 8 -1.42 -4.85 -0.65
C ASP A 8 -2.15 -5.40 -1.88
N ARG A 9 -2.83 -6.52 -1.67
CA ARG A 9 -3.56 -7.16 -2.74
C ARG A 9 -4.92 -6.50 -2.93
N ILE A 10 -5.47 -6.02 -1.81
CA ILE A 10 -6.76 -5.36 -1.83
C ILE A 10 -6.59 -3.92 -2.30
N THR A 11 -5.40 -3.39 -2.05
CA THR A 11 -5.09 -2.02 -2.44
C THR A 11 -4.16 -2.02 -3.65
N GLU A 12 -3.79 -3.21 -4.09
CA GLU A 12 -2.91 -3.36 -5.23
C GLU A 12 -3.33 -2.40 -6.34
N ARG A 13 -4.64 -2.24 -6.47
CA ARG A 13 -5.19 -1.36 -7.49
C ARG A 13 -4.52 0.02 -7.42
N ALA A 14 -4.03 0.35 -6.24
CA ALA A 14 -3.36 1.63 -6.03
C ALA A 14 -1.99 1.60 -6.69
N GLU A 15 -1.11 0.79 -6.12
CA GLU A 15 0.24 0.66 -6.63
C GLU A 15 0.21 0.15 -8.08
N ASP A 16 -0.90 -0.48 -8.42
CA ASP A 16 -1.07 -1.01 -9.76
C ASP A 16 -0.93 0.12 -10.77
N SER A 17 -1.06 1.33 -10.28
CA SER A 17 -0.95 2.50 -11.14
C SER A 17 -0.15 3.60 -10.43
N GLY A 18 -0.50 3.82 -9.17
CA GLY A 18 0.18 4.83 -8.37
C GLY A 18 -0.62 5.16 -7.10
N ASN A 19 -0.31 4.42 -6.05
CA ASN A 19 -0.98 4.63 -4.77
C ASN A 19 -1.16 6.13 -4.53
N GLU A 20 -0.24 6.90 -5.09
CA GLU A 20 -0.28 8.34 -4.94
C GLU A 20 -1.17 8.97 -6.02
N SER A 21 -2.26 8.27 -6.32
CA SER A 21 -3.19 8.75 -7.33
C SER A 21 -4.60 8.78 -6.75
N GLU A 22 -4.93 7.74 -6.00
CA GLU A 22 -6.24 7.64 -5.38
C GLU A 22 -6.16 6.81 -4.10
N GLY A 23 -4.98 6.82 -3.50
CA GLY A 23 -4.76 6.08 -2.26
C GLY A 23 -5.97 6.19 -1.34
N ASP A 24 -5.92 7.17 -0.45
CA ASP A 24 -7.01 7.39 0.49
C ASP A 24 -7.11 6.19 1.43
N GLN A 25 -7.66 5.11 0.91
CA GLN A 25 -7.83 3.90 1.69
C GLN A 25 -6.52 3.56 2.42
N GLU A 26 -5.42 3.79 1.72
CA GLU A 26 -4.10 3.51 2.28
C GLU A 26 -3.78 4.52 3.39
N GLU A 27 -4.34 5.71 3.24
CA GLU A 27 -4.11 6.76 4.22
C GLU A 27 -4.34 6.23 5.63
N LEU A 28 -5.11 5.15 5.71
CA LEU A 28 -5.42 4.54 6.99
C LEU A 28 -4.93 3.09 6.98
N SER A 29 -5.11 2.46 5.83
CA SER A 29 -4.71 1.07 5.68
C SER A 29 -3.18 0.96 5.65
N ALA A 30 -2.57 1.82 4.84
CA ALA A 30 -1.12 1.84 4.71
C ALA A 30 -0.52 2.51 5.95
N LEU A 31 -1.40 2.96 6.83
CA LEU A 31 -0.96 3.61 8.05
C LEU A 31 -1.18 2.66 9.24
N VAL A 32 -1.30 1.39 8.92
CA VAL A 32 -1.51 0.38 9.94
C VAL A 32 -0.49 -0.75 9.76
N GLU A 33 -0.39 -1.22 8.52
CA GLU A 33 0.54 -2.29 8.21
C GLU A 33 1.75 -1.73 7.46
N ARG A 34 1.47 -0.96 6.43
CA ARG A 34 2.52 -0.35 5.62
C ARG A 34 3.28 0.69 6.44
N GLY A 35 4.59 0.55 6.45
CA GLY A 35 5.44 1.48 7.18
C GLY A 35 6.36 2.25 6.24
N HIS A 36 6.74 1.59 5.16
CA HIS A 36 7.62 2.19 4.17
C HIS A 36 6.84 3.25 3.38
N LEU A 37 5.52 3.21 3.53
CA LEU A 37 4.66 4.15 2.85
C LEU A 37 5.11 4.29 1.39
N ALA A 38 5.56 3.16 0.84
CA ALA A 38 6.02 3.14 -0.55
C ALA A 38 5.41 1.94 -1.26
N PRO A 39 4.06 1.99 -1.41
CA PRO A 39 3.34 0.91 -2.08
C PRO A 39 3.55 0.97 -3.59
N TRP A 40 3.84 2.16 -4.07
CA TRP A 40 4.06 2.37 -5.50
C TRP A 40 5.57 2.23 -5.76
N ASP A 41 6.34 2.88 -4.90
CA ASP A 41 7.79 2.85 -5.03
C ASP A 41 8.30 1.46 -4.64
N VAL A 42 7.71 0.93 -3.57
CA VAL A 42 8.09 -0.38 -3.08
C VAL A 42 9.62 -0.53 -3.17
N ASP A 43 10.31 0.31 -2.41
CA ASP A 43 11.76 0.28 -2.40
C ASP A 43 12.24 -0.19 -1.02
N ASP A 44 11.76 0.49 0.00
CA ASP A 44 12.13 0.14 1.36
C ASP A 44 11.33 -1.08 1.82
N LEU A 45 11.73 -2.23 1.30
CA LEU A 45 11.07 -3.47 1.64
C LEU A 45 11.86 -4.65 1.06
#